data_8AKG
#
_entry.id   8AKG
#
_cell.length_a   91.132
_cell.length_b   91.132
_cell.length_c   143.282
_cell.angle_alpha   90.000
_cell.angle_beta   90.000
_cell.angle_gamma   120.000
#
_symmetry.space_group_name_H-M   'P 63'
#
loop_
_entity.id
_entity.type
_entity.pdbx_description
1 polymer 'NAD-dependent protein deacetylase sirtuin-6'
2 non-polymer '[(2R,3S,4R,5R)-5-(6-AMINOPURIN-9-YL)-3,4-DIHYDROXY-OXOLAN-2-YL]METHYL [HYDROXY-[[(2R,3S,4R,5S)-3,4,5-TRIHYDROXYOXOLAN-2-YL]METHOXY]PHOSPHORYL] HYDROGEN PHOSPHATE'
3 non-polymer 'ZINC ION'
4 non-polymer 'TETRAETHYLENE GLYCOL'
5 non-polymer 1,2-ETHANEDIOL
6 non-polymer DI(HYDROXYETHYL)ETHER
7 non-polymer 'SULFATE ION'
8 non-polymer 4-AMINO-6-CHLOROBENZENE-1,3-DISULFONAMIDE
9 non-polymer 'CHLORIDE ION'
10 water water
#
_entity_poly.entity_id   1
_entity_poly.type   'polypeptide(L)'
_entity_poly.pdbx_seq_one_letter_code
;GIDPFTADKGKCGLPEIFDPPEELERKVWELARLVWQSSSVVFHTGAGISTASGIPDFRGPHGVWTMEERGLAPKFDTTF
ESARPTQTHMALVQLERVGLLRFLVSQNVDGLHVRSGFPRDKLAELHGNMFVEECAKCKTQYVRDTVVGTMGLKATGRLC
TVAKARGLRACRGELRDTILDWEDSLPDRDLALADEASRNADLSITLGTSLQIRPSGNLPLATKRRGGRLVIVNLQPTKH
DRHADLRIHGYVDEVMTRLMKHLGLEIPAWDGPRVLERALPPLPRPPTPKLEPKEESPTRIN
;
_entity_poly.pdbx_strand_id   A,B
#
loop_
_chem_comp.id
_chem_comp.type
_chem_comp.name
_chem_comp.formula
AR6 non-polymer '[(2R,3S,4R,5R)-5-(6-AMINOPURIN-9-YL)-3,4-DIHYDROXY-OXOLAN-2-YL]METHYL [HYDROXY-[[(2R,3S,4R,5S)-3,4,5-TRIHYDROXYOXOLAN-2-YL]METHOXY]PHOSPHORYL] HYDROGEN PHOSPHATE' 'C15 H23 N5 O14 P2'
CL non-polymer 'CHLORIDE ION' 'Cl -1'
EDO non-polymer 1,2-ETHANEDIOL 'C2 H6 O2'
I7B non-polymer 4-AMINO-6-CHLOROBENZENE-1,3-DISULFONAMIDE 'C6 H8 Cl N3 O4 S2'
PEG non-polymer DI(HYDROXYETHYL)ETHER 'C4 H10 O3'
PG4 non-polymer 'TETRAETHYLENE GLYCOL' 'C8 H18 O5'
SO4 non-polymer 'SULFATE ION' 'O4 S -2'
ZN non-polymer 'ZINC ION' 'Zn 2'
#
# COMPACT_ATOMS: atom_id res chain seq x y z
N PRO A 4 -29.50 -2.75 10.67
CA PRO A 4 -28.33 -3.21 9.93
C PRO A 4 -28.66 -3.47 8.45
N PHE A 5 -29.68 -4.28 8.20
CA PHE A 5 -30.08 -4.72 6.85
C PHE A 5 -30.63 -3.53 6.06
N THR A 6 -31.45 -2.70 6.71
CA THR A 6 -32.13 -1.51 6.15
C THR A 6 -31.29 -0.25 6.38
N ALA A 7 -30.30 -0.30 7.30
CA ALA A 7 -29.38 0.82 7.62
C ALA A 7 -29.02 1.59 6.34
N ASP A 8 -29.11 2.92 6.39
CA ASP A 8 -28.83 3.84 5.25
C ASP A 8 -27.31 3.88 5.00
N LYS A 9 -26.86 3.30 3.88
CA LYS A 9 -25.42 3.25 3.52
C LYS A 9 -25.04 4.46 2.66
N GLY A 10 -25.98 5.37 2.40
CA GLY A 10 -25.76 6.68 1.76
C GLY A 10 -25.54 6.56 0.26
N LYS A 11 -24.95 7.59 -0.35
CA LYS A 11 -24.62 7.65 -1.80
C LYS A 11 -23.37 6.81 -2.04
N CYS A 12 -23.52 5.74 -2.81
CA CYS A 12 -22.42 4.76 -3.09
C CYS A 12 -22.07 4.80 -4.57
N GLY A 13 -20.78 4.70 -4.90
CA GLY A 13 -20.30 4.49 -6.28
C GLY A 13 -20.52 5.68 -7.20
N LEU A 14 -20.51 6.91 -6.66
CA LEU A 14 -20.48 8.15 -7.46
C LEU A 14 -19.19 8.14 -8.27
N PRO A 15 -19.21 8.80 -9.44
CA PRO A 15 -18.05 8.85 -10.33
C PRO A 15 -16.91 9.62 -9.65
N GLU A 16 -15.70 9.21 -9.97
CA GLU A 16 -14.44 9.85 -9.52
C GLU A 16 -14.18 11.08 -10.38
N ILE A 17 -13.64 12.11 -9.75
CA ILE A 17 -13.15 13.35 -10.39
C ILE A 17 -11.62 13.35 -10.28
N PHE A 18 -10.94 13.69 -11.36
CA PHE A 18 -9.46 13.79 -11.46
C PHE A 18 -9.12 15.21 -11.89
N ASP A 19 -8.65 16.05 -10.96
CA ASP A 19 -8.07 17.38 -11.32
C ASP A 19 -6.96 17.12 -12.32
N PRO A 20 -6.93 17.81 -13.48
CA PRO A 20 -5.80 17.66 -14.40
C PRO A 20 -4.52 18.11 -13.71
N PRO A 21 -3.33 17.69 -14.20
CA PRO A 21 -2.07 17.92 -13.49
C PRO A 21 -1.73 19.36 -13.10
N GLU A 22 -1.95 20.31 -14.02
CA GLU A 22 -1.66 21.75 -13.80
C GLU A 22 -2.53 22.24 -12.63
N GLU A 23 -3.82 21.92 -12.67
CA GLU A 23 -4.80 22.34 -11.65
C GLU A 23 -4.52 21.63 -10.31
N LEU A 24 -4.19 20.35 -10.36
CA LEU A 24 -3.81 19.56 -9.14
C LEU A 24 -2.60 20.23 -8.49
N GLU A 25 -1.56 20.53 -9.27
CA GLU A 25 -0.31 21.16 -8.77
C GLU A 25 -0.64 22.50 -8.11
N ARG A 26 -1.47 23.32 -8.76
CA ARG A 26 -1.91 24.64 -8.24
C ARG A 26 -2.58 24.49 -6.87
N LYS A 27 -3.51 23.54 -6.75
CA LYS A 27 -4.36 23.36 -5.54
C LYS A 27 -3.51 22.83 -4.37
N VAL A 28 -2.50 22.00 -4.61
CA VAL A 28 -1.62 21.48 -3.51
C VAL A 28 -0.68 22.62 -3.04
N TRP A 29 -0.30 23.55 -3.93
CA TRP A 29 0.48 24.75 -3.53
C TRP A 29 -0.44 25.65 -2.69
N GLU A 30 -1.70 25.80 -3.06
CA GLU A 30 -2.71 26.55 -2.26
C GLU A 30 -2.96 25.91 -0.89
N LEU A 31 -3.03 24.57 -0.84
CA LEU A 31 -3.08 23.78 0.43
C LEU A 31 -1.85 24.12 1.28
N ALA A 32 -0.65 24.06 0.72
CA ALA A 32 0.61 24.42 1.42
C ALA A 32 0.47 25.82 2.04
N ARG A 33 0.07 26.82 1.25
CA ARG A 33 -0.18 28.22 1.71
C ARG A 33 -1.15 28.21 2.89
N LEU A 34 -2.27 27.49 2.82
CA LEU A 34 -3.27 27.46 3.92
C LEU A 34 -2.66 26.80 5.18
N VAL A 35 -1.78 25.83 5.02
CA VAL A 35 -1.14 25.13 6.15
C VAL A 35 -0.18 26.14 6.82
N TRP A 36 0.60 26.88 6.02
CA TRP A 36 1.59 27.88 6.50
C TRP A 36 0.87 28.98 7.27
N GLN A 37 -0.32 29.41 6.79
CA GLN A 37 -1.09 30.55 7.34
C GLN A 37 -1.87 30.16 8.60
N SER A 38 -2.08 28.88 8.85
CA SER A 38 -3.03 28.40 9.89
C SER A 38 -2.34 28.24 11.25
N SER A 39 -2.98 28.74 12.30
CA SER A 39 -2.52 28.57 13.70
C SER A 39 -2.83 27.14 14.15
N SER A 40 -3.98 26.56 13.74
CA SER A 40 -4.51 25.29 14.30
C SER A 40 -5.11 24.39 13.19
N VAL A 41 -4.32 23.42 12.71
CA VAL A 41 -4.71 22.54 11.56
C VAL A 41 -5.24 21.21 12.11
N VAL A 42 -6.48 20.86 11.78
CA VAL A 42 -7.09 19.56 12.13
C VAL A 42 -7.30 18.79 10.82
N PHE A 43 -6.88 17.53 10.83
CA PHE A 43 -7.08 16.59 9.70
C PHE A 43 -8.22 15.63 10.04
N HIS A 44 -9.10 15.40 9.07
CA HIS A 44 -10.20 14.39 9.15
C HIS A 44 -9.99 13.30 8.11
N THR A 45 -9.87 12.05 8.54
CA THR A 45 -9.50 10.92 7.66
C THR A 45 -10.63 9.87 7.66
N GLY A 46 -10.82 9.27 6.51
CA GLY A 46 -11.76 8.17 6.29
C GLY A 46 -11.11 7.10 5.45
N ALA A 47 -11.92 6.19 4.92
CA ALA A 47 -11.45 4.91 4.32
C ALA A 47 -10.52 5.17 3.13
N GLY A 48 -10.68 6.31 2.47
CA GLY A 48 -9.90 6.69 1.28
C GLY A 48 -8.41 6.72 1.58
N ILE A 49 -7.99 6.96 2.84
CA ILE A 49 -6.53 7.01 3.17
C ILE A 49 -5.89 5.63 3.32
N SER A 50 -6.67 4.54 3.28
CA SER A 50 -6.17 3.17 3.50
C SER A 50 -6.32 2.31 2.24
N THR A 51 -6.92 2.87 1.17
CA THR A 51 -7.17 2.09 -0.08
C THR A 51 -5.84 1.70 -0.74
N ALA A 52 -4.82 2.55 -0.68
CA ALA A 52 -3.48 2.28 -1.28
C ALA A 52 -2.67 1.29 -0.45
N SER A 53 -3.18 0.88 0.72
CA SER A 53 -2.66 -0.27 1.51
C SER A 53 -3.45 -1.56 1.28
N GLY A 54 -4.44 -1.54 0.35
CA GLY A 54 -5.22 -2.71 -0.06
C GLY A 54 -6.53 -2.86 0.68
N ILE A 55 -6.91 -1.93 1.54
CA ILE A 55 -8.21 -2.02 2.25
C ILE A 55 -9.22 -1.23 1.44
N PRO A 56 -10.25 -1.90 0.88
CA PRO A 56 -11.21 -1.22 0.00
C PRO A 56 -11.98 -0.23 0.89
N ASP A 57 -12.38 0.91 0.34
CA ASP A 57 -13.26 1.86 1.08
C ASP A 57 -14.70 1.37 1.10
N PHE A 58 -15.61 2.20 1.61
CA PHE A 58 -17.05 1.86 1.73
C PHE A 58 -17.80 2.27 0.45
N ARG A 59 -17.61 3.48 -0.09
CA ARG A 59 -18.58 4.07 -1.07
C ARG A 59 -17.86 4.49 -2.36
N GLY A 60 -16.58 4.17 -2.52
CA GLY A 60 -15.86 4.29 -3.81
C GLY A 60 -16.39 3.33 -4.86
N PRO A 61 -15.88 3.37 -6.11
CA PRO A 61 -16.39 2.49 -7.17
C PRO A 61 -16.37 0.99 -6.82
N HIS A 62 -15.37 0.55 -6.06
CA HIS A 62 -15.27 -0.84 -5.53
C HIS A 62 -15.35 -0.85 -3.99
N GLY A 63 -16.13 0.06 -3.39
CA GLY A 63 -16.36 0.10 -1.94
C GLY A 63 -17.15 -1.11 -1.44
N VAL A 64 -16.98 -1.44 -0.15
CA VAL A 64 -17.72 -2.52 0.55
C VAL A 64 -19.22 -2.32 0.24
N TRP A 65 -19.80 -1.16 0.59
CA TRP A 65 -21.24 -0.85 0.36
C TRP A 65 -21.58 -0.80 -1.14
N THR A 66 -20.83 -0.08 -1.97
CA THR A 66 -21.02 -0.04 -3.45
C THR A 66 -21.12 -1.47 -4.03
N MET A 67 -20.16 -2.33 -3.70
CA MET A 67 -20.11 -3.69 -4.29
C MET A 67 -21.32 -4.50 -3.80
N GLU A 68 -21.65 -4.41 -2.52
CA GLU A 68 -22.87 -5.01 -1.91
C GLU A 68 -24.12 -4.57 -2.72
N GLU A 69 -24.22 -3.28 -3.07
CA GLU A 69 -25.41 -2.70 -3.75
C GLU A 69 -25.54 -3.27 -5.17
N ARG A 70 -24.42 -3.65 -5.81
CA ARG A 70 -24.41 -4.22 -7.18
C ARG A 70 -24.32 -5.75 -7.14
N GLY A 71 -24.49 -6.39 -5.98
CA GLY A 71 -24.40 -7.85 -5.82
C GLY A 71 -22.99 -8.39 -6.03
N LEU A 72 -21.96 -7.58 -5.75
CA LEU A 72 -20.53 -8.00 -5.88
C LEU A 72 -19.89 -7.96 -4.49
N ALA A 73 -18.66 -8.44 -4.36
CA ALA A 73 -17.93 -8.50 -3.07
C ALA A 73 -16.81 -7.46 -3.12
N PRO A 74 -16.47 -6.81 -1.99
CA PRO A 74 -15.25 -6.04 -1.92
C PRO A 74 -14.06 -7.01 -2.01
N LYS A 75 -12.89 -6.47 -2.33
CA LYS A 75 -11.63 -7.25 -2.41
C LYS A 75 -10.56 -6.53 -1.57
N PHE A 76 -9.99 -7.30 -0.64
CA PHE A 76 -8.86 -6.89 0.23
C PHE A 76 -7.57 -7.40 -0.41
N ASP A 77 -6.56 -6.55 -0.48
CA ASP A 77 -5.22 -6.95 -0.95
C ASP A 77 -4.29 -7.15 0.26
N THR A 78 -4.81 -6.98 1.47
CA THR A 78 -4.07 -7.20 2.73
C THR A 78 -5.00 -7.77 3.79
N THR A 79 -4.44 -8.32 4.86
CA THR A 79 -5.20 -8.45 6.12
C THR A 79 -5.06 -7.13 6.84
N PHE A 80 -5.91 -6.91 7.84
CA PHE A 80 -5.76 -5.74 8.72
C PHE A 80 -4.44 -5.82 9.48
N GLU A 81 -3.97 -7.02 9.83
CA GLU A 81 -2.71 -7.22 10.57
C GLU A 81 -1.50 -6.99 9.67
N SER A 82 -1.58 -7.31 8.38
CA SER A 82 -0.43 -7.13 7.45
C SER A 82 -0.48 -5.78 6.74
N ALA A 83 -1.54 -4.98 6.96
CA ALA A 83 -1.72 -3.65 6.34
C ALA A 83 -0.56 -2.76 6.81
N ARG A 84 0.04 -2.03 5.88
CA ARG A 84 1.06 -1.01 6.23
C ARG A 84 0.41 0.36 6.12
N PRO A 85 0.74 1.29 7.04
CA PRO A 85 0.35 2.68 6.88
C PRO A 85 0.90 3.18 5.54
N THR A 86 0.04 3.90 4.85
CA THR A 86 0.33 4.58 3.56
C THR A 86 1.26 5.77 3.79
N GLN A 87 1.75 6.33 2.68
CA GLN A 87 2.50 7.61 2.59
C GLN A 87 1.68 8.68 3.34
N THR A 88 0.38 8.69 3.07
CA THR A 88 -0.56 9.65 3.75
C THR A 88 -0.53 9.46 5.25
N HIS A 89 -0.70 8.23 5.74
CA HIS A 89 -0.54 7.93 7.19
C HIS A 89 0.79 8.47 7.69
N MET A 90 1.93 8.12 7.06
CA MET A 90 3.26 8.53 7.58
C MET A 90 3.43 10.05 7.47
N ALA A 91 2.85 10.71 6.46
CA ALA A 91 2.88 12.18 6.30
C ALA A 91 2.20 12.82 7.53
N LEU A 92 1.09 12.25 7.99
CA LEU A 92 0.27 12.79 9.12
C LEU A 92 1.06 12.66 10.44
N VAL A 93 1.80 11.56 10.61
CA VAL A 93 2.75 11.36 11.75
C VAL A 93 3.73 12.55 11.76
N GLN A 94 4.40 12.83 10.65
CA GLN A 94 5.46 13.87 10.54
C GLN A 94 4.87 15.25 10.82
N LEU A 95 3.68 15.55 10.28
CA LEU A 95 3.00 16.88 10.38
C LEU A 95 2.66 17.13 11.85
N GLU A 96 2.28 16.08 12.57
CA GLU A 96 2.07 16.20 14.05
C GLU A 96 3.45 16.43 14.71
N ARG A 97 4.48 15.70 14.30
CA ARG A 97 5.80 15.74 15.00
C ARG A 97 6.38 17.15 14.91
N VAL A 98 6.21 17.83 13.78
CA VAL A 98 6.83 19.19 13.53
C VAL A 98 5.85 20.30 13.94
N GLY A 99 4.72 19.95 14.55
CA GLY A 99 3.75 20.91 15.12
C GLY A 99 2.79 21.51 14.10
N LEU A 100 2.66 20.96 12.90
CA LEU A 100 1.75 21.49 11.84
C LEU A 100 0.37 20.84 11.86
N LEU A 101 0.17 19.83 12.71
CA LEU A 101 -1.12 19.15 12.91
C LEU A 101 -1.48 19.23 14.40
N ARG A 102 -2.56 19.93 14.73
CA ARG A 102 -3.08 20.05 16.12
C ARG A 102 -3.84 18.79 16.51
N PHE A 103 -4.70 18.26 15.63
CA PHE A 103 -5.52 17.07 15.97
C PHE A 103 -5.88 16.29 14.71
N LEU A 104 -6.08 14.98 14.89
CA LEU A 104 -6.44 13.99 13.83
C LEU A 104 -7.75 13.32 14.21
N VAL A 105 -8.80 13.57 13.44
CA VAL A 105 -10.14 12.93 13.61
C VAL A 105 -10.32 11.90 12.49
N SER A 106 -10.43 10.63 12.86
CA SER A 106 -10.59 9.48 11.93
C SER A 106 -11.86 8.67 12.22
N GLN A 107 -12.49 8.28 11.12
CA GLN A 107 -13.63 7.36 11.03
C GLN A 107 -13.13 5.94 10.77
N ASN A 108 -11.81 5.75 10.58
CA ASN A 108 -11.21 4.44 10.25
C ASN A 108 -11.10 3.58 11.50
N VAL A 109 -11.52 2.32 11.39
CA VAL A 109 -11.40 1.26 12.44
C VAL A 109 -10.20 0.36 12.14
N ASP A 110 -9.44 0.65 11.07
CA ASP A 110 -8.36 -0.24 10.58
C ASP A 110 -7.12 -0.21 11.52
N GLY A 111 -7.07 0.66 12.55
CA GLY A 111 -5.97 0.71 13.53
C GLY A 111 -4.66 1.27 12.95
N LEU A 112 -4.66 1.77 11.72
CA LEU A 112 -3.41 2.16 11.02
C LEU A 112 -2.83 3.46 11.56
N HIS A 113 -3.63 4.46 11.95
CA HIS A 113 -3.08 5.70 12.58
C HIS A 113 -2.30 5.31 13.85
N VAL A 114 -2.92 4.52 14.74
CA VAL A 114 -2.26 4.08 16.01
C VAL A 114 -0.95 3.35 15.65
N ARG A 115 -1.04 2.35 14.77
CA ARG A 115 0.08 1.46 14.41
C ARG A 115 1.20 2.21 13.66
N SER A 116 0.89 3.30 12.95
CA SER A 116 1.85 4.24 12.31
C SER A 116 2.74 4.97 13.33
N GLY A 117 2.35 5.05 14.60
CA GLY A 117 3.09 5.73 15.68
C GLY A 117 2.48 7.09 15.96
N PHE A 118 1.26 7.33 15.49
CA PHE A 118 0.58 8.63 15.68
C PHE A 118 0.14 8.69 17.15
N PRO A 119 0.41 9.80 17.87
CA PRO A 119 0.10 9.91 19.28
C PRO A 119 -1.42 9.93 19.52
N ARG A 120 -1.80 9.02 20.40
CA ARG A 120 -3.21 8.69 20.68
C ARG A 120 -3.87 9.88 21.37
N ASP A 121 -3.11 10.68 22.12
CA ASP A 121 -3.70 11.89 22.77
C ASP A 121 -4.01 12.98 21.72
N LYS A 122 -3.60 12.83 20.46
CA LYS A 122 -4.00 13.80 19.40
C LYS A 122 -4.90 13.12 18.35
N LEU A 123 -5.40 11.93 18.66
CA LEU A 123 -6.23 11.14 17.73
C LEU A 123 -7.62 10.87 18.32
N ALA A 124 -8.69 11.21 17.59
CA ALA A 124 -10.06 10.76 17.89
C ALA A 124 -10.39 9.63 16.92
N GLU A 125 -10.69 8.45 17.43
CA GLU A 125 -11.09 7.26 16.63
C GLU A 125 -12.60 7.08 16.77
N LEU A 126 -13.35 7.79 15.94
CA LEU A 126 -14.80 8.07 16.12
C LEU A 126 -15.62 6.79 16.03
N HIS A 127 -15.20 5.80 15.23
CA HIS A 127 -15.95 4.54 14.97
C HIS A 127 -15.24 3.35 15.63
N GLY A 128 -14.19 3.61 16.40
CA GLY A 128 -13.43 2.58 17.10
C GLY A 128 -12.20 2.16 16.31
N ASN A 129 -11.54 1.14 16.84
CA ASN A 129 -10.23 0.60 16.39
C ASN A 129 -10.31 -0.90 16.65
N MET A 130 -10.21 -1.64 15.56
CA MET A 130 -10.31 -3.11 15.48
C MET A 130 -9.24 -3.80 16.36
N PHE A 131 -8.09 -3.17 16.64
CA PHE A 131 -7.00 -3.74 17.49
C PHE A 131 -7.22 -3.41 18.96
N VAL A 132 -8.18 -2.55 19.27
CA VAL A 132 -8.34 -1.96 20.62
C VAL A 132 -9.54 -2.56 21.34
N GLU A 133 -9.32 -3.08 22.55
CA GLU A 133 -10.41 -3.55 23.44
C GLU A 133 -10.33 -2.72 24.72
N GLU A 134 -11.47 -2.53 25.36
CA GLU A 134 -11.62 -1.59 26.49
C GLU A 134 -12.35 -2.31 27.63
N CYS A 135 -11.86 -2.12 28.86
CA CYS A 135 -12.46 -2.71 30.09
C CYS A 135 -13.74 -1.94 30.42
N ALA A 136 -14.87 -2.63 30.49
CA ALA A 136 -16.18 -2.02 30.86
C ALA A 136 -16.08 -1.38 32.24
N LYS A 137 -15.37 -2.01 33.18
CA LYS A 137 -15.32 -1.54 34.59
C LYS A 137 -14.46 -0.26 34.70
N CYS A 138 -13.22 -0.28 34.21
CA CYS A 138 -12.27 0.84 34.48
C CYS A 138 -11.96 1.63 33.21
N LYS A 139 -12.52 1.25 32.05
CA LYS A 139 -12.36 2.00 30.78
C LYS A 139 -10.89 2.00 30.35
N THR A 140 -10.08 1.07 30.85
CA THR A 140 -8.66 0.96 30.43
C THR A 140 -8.64 0.30 29.05
N GLN A 141 -7.89 0.89 28.12
CA GLN A 141 -7.82 0.42 26.73
C GLN A 141 -6.54 -0.39 26.55
N TYR A 142 -6.63 -1.44 25.73
CA TYR A 142 -5.52 -2.34 25.37
C TYR A 142 -5.38 -2.28 23.85
N VAL A 143 -4.22 -1.85 23.38
CA VAL A 143 -3.88 -1.86 21.92
C VAL A 143 -3.16 -3.20 21.65
N ARG A 144 -3.89 -4.13 21.06
CA ARG A 144 -3.43 -5.51 20.75
C ARG A 144 -2.67 -5.45 19.43
N ASP A 145 -1.77 -6.42 19.26
CA ASP A 145 -1.02 -6.70 18.00
C ASP A 145 -1.87 -7.51 17.02
N THR A 146 -3.05 -7.98 17.43
CA THR A 146 -3.97 -8.70 16.50
C THR A 146 -5.37 -8.07 16.61
N VAL A 147 -6.20 -8.28 15.59
CA VAL A 147 -7.59 -7.75 15.53
C VAL A 147 -8.36 -8.44 16.65
N VAL A 148 -9.02 -7.64 17.48
CA VAL A 148 -9.99 -8.07 18.53
C VAL A 148 -11.19 -8.72 17.81
N GLY A 149 -11.46 -9.99 18.10
CA GLY A 149 -12.26 -10.88 17.22
C GLY A 149 -13.74 -10.53 17.12
N THR A 150 -14.25 -9.55 17.87
CA THR A 150 -15.69 -9.21 17.87
C THR A 150 -15.89 -7.77 17.38
N MET A 151 -17.15 -7.40 17.11
CA MET A 151 -17.58 -6.02 16.76
C MET A 151 -18.86 -5.72 17.55
N GLY A 152 -19.23 -4.45 17.66
CA GLY A 152 -20.50 -4.02 18.28
C GLY A 152 -20.40 -3.93 19.79
N LEU A 153 -19.21 -3.66 20.32
CA LEU A 153 -18.94 -3.45 21.77
C LEU A 153 -19.29 -4.74 22.55
N LYS A 154 -18.96 -5.90 21.99
CA LYS A 154 -19.22 -7.23 22.62
C LYS A 154 -18.05 -7.61 23.54
N ALA A 155 -18.30 -8.49 24.50
CA ALA A 155 -17.24 -9.16 25.31
C ALA A 155 -16.31 -9.94 24.37
N THR A 156 -15.00 -9.72 24.48
CA THR A 156 -13.95 -10.39 23.65
C THR A 156 -13.60 -11.74 24.26
N GLY A 157 -13.85 -11.91 25.56
CA GLY A 157 -13.55 -13.14 26.32
C GLY A 157 -12.31 -12.96 27.17
N ARG A 158 -11.62 -11.83 27.06
CA ARG A 158 -10.43 -11.50 27.89
C ARG A 158 -10.83 -10.56 29.03
N LEU A 159 -10.02 -10.52 30.08
CA LEU A 159 -10.31 -9.78 31.34
C LEU A 159 -9.22 -8.77 31.60
N CYS A 160 -9.58 -7.68 32.27
CA CYS A 160 -8.67 -6.56 32.59
C CYS A 160 -7.55 -7.06 33.50
N THR A 161 -6.32 -6.67 33.20
CA THR A 161 -5.09 -7.05 33.95
C THR A 161 -4.64 -5.89 34.85
N VAL A 162 -5.41 -4.80 34.93
CA VAL A 162 -5.02 -3.62 35.75
C VAL A 162 -4.75 -4.05 37.20
N ALA A 163 -3.61 -3.62 37.75
CA ALA A 163 -3.07 -4.05 39.07
C ALA A 163 -4.22 -4.28 40.06
N CYS A 171 -8.76 -6.12 38.65
CA CYS A 171 -10.01 -5.59 38.04
C CYS A 171 -10.80 -6.75 37.44
N ARG A 172 -10.13 -7.62 36.66
CA ARG A 172 -10.74 -8.79 35.99
C ARG A 172 -12.01 -8.34 35.25
N GLY A 173 -12.13 -7.03 34.99
CA GLY A 173 -13.24 -6.45 34.21
C GLY A 173 -13.32 -7.09 32.83
N GLU A 174 -14.54 -7.19 32.30
CA GLU A 174 -14.85 -7.70 30.95
C GLU A 174 -14.25 -6.74 29.89
N LEU A 175 -13.29 -7.21 29.09
CA LEU A 175 -12.79 -6.40 27.94
C LEU A 175 -13.77 -6.58 26.78
N ARG A 176 -14.10 -5.48 26.11
CA ARG A 176 -15.05 -5.42 24.97
C ARG A 176 -14.34 -4.73 23.80
N ASP A 177 -14.69 -5.10 22.56
CA ASP A 177 -14.22 -4.39 21.33
C ASP A 177 -14.69 -2.93 21.39
N THR A 178 -14.12 -2.05 20.55
CA THR A 178 -14.49 -0.61 20.49
C THR A 178 -15.18 -0.27 19.16
N ILE A 179 -15.60 -1.29 18.40
CA ILE A 179 -16.22 -1.13 17.06
C ILE A 179 -17.72 -0.90 17.22
N LEU A 180 -18.16 0.34 16.99
CA LEU A 180 -19.57 0.77 17.00
C LEU A 180 -20.33 -0.08 15.98
N ASP A 181 -21.54 -0.55 16.32
CA ASP A 181 -22.54 -1.03 15.33
C ASP A 181 -23.42 0.16 14.95
N TRP A 182 -24.39 -0.04 14.07
CA TRP A 182 -25.17 1.06 13.45
C TRP A 182 -25.85 1.90 14.55
N GLU A 183 -26.37 1.26 15.60
CA GLU A 183 -27.22 1.93 16.62
C GLU A 183 -26.37 2.61 17.70
N ASP A 184 -25.08 2.26 17.81
CA ASP A 184 -24.21 2.70 18.95
C ASP A 184 -23.87 4.19 18.82
N SER A 185 -23.97 4.92 19.93
CA SER A 185 -23.42 6.30 20.10
C SER A 185 -21.90 6.26 19.97
N LEU A 186 -21.31 7.34 19.43
CA LEU A 186 -19.84 7.55 19.33
C LEU A 186 -19.26 7.67 20.74
N PRO A 187 -17.98 7.30 20.95
CA PRO A 187 -17.33 7.51 22.24
C PRO A 187 -17.26 9.00 22.57
N ASP A 188 -17.81 9.40 23.73
CA ASP A 188 -18.02 10.81 24.15
C ASP A 188 -16.68 11.54 24.28
N ARG A 189 -15.64 10.87 24.77
CA ARG A 189 -14.28 11.43 24.93
C ARG A 189 -13.71 11.80 23.55
N ASP A 190 -13.68 10.84 22.62
CA ASP A 190 -13.17 11.03 21.24
C ASP A 190 -14.02 12.10 20.52
N LEU A 191 -15.35 12.02 20.61
CA LEU A 191 -16.25 12.97 19.89
C LEU A 191 -16.11 14.36 20.53
N ALA A 192 -16.08 14.43 21.85
CA ALA A 192 -15.89 15.70 22.60
C ALA A 192 -14.59 16.36 22.12
N LEU A 193 -13.47 15.63 22.12
CA LEU A 193 -12.13 16.17 21.75
C LEU A 193 -12.11 16.53 20.25
N ALA A 194 -12.69 15.69 19.37
CA ALA A 194 -12.81 15.96 17.92
C ALA A 194 -13.57 17.26 17.68
N ASP A 195 -14.71 17.45 18.33
CA ASP A 195 -15.57 18.66 18.18
C ASP A 195 -14.77 19.90 18.64
N GLU A 196 -14.10 19.82 19.79
CA GLU A 196 -13.31 20.95 20.35
C GLU A 196 -12.21 21.33 19.34
N ALA A 197 -11.52 20.34 18.78
CA ALA A 197 -10.40 20.56 17.83
C ALA A 197 -10.93 21.24 16.57
N SER A 198 -12.00 20.68 16.00
CA SER A 198 -12.62 21.16 14.74
C SER A 198 -13.11 22.60 14.96
N ARG A 199 -13.78 22.88 16.08
CA ARG A 199 -14.40 24.20 16.38
C ARG A 199 -13.31 25.27 16.48
N ASN A 200 -12.16 24.93 17.11
CA ASN A 200 -11.06 25.87 17.41
C ASN A 200 -10.05 25.92 16.25
N ALA A 201 -10.12 24.99 15.31
CA ALA A 201 -9.25 24.97 14.11
C ALA A 201 -9.55 26.18 13.23
N ASP A 202 -8.54 26.73 12.54
CA ASP A 202 -8.73 27.72 11.46
C ASP A 202 -8.47 27.04 10.11
N LEU A 203 -8.06 25.77 10.13
CA LEU A 203 -8.00 24.89 8.94
C LEU A 203 -8.37 23.46 9.31
N SER A 204 -9.37 22.95 8.61
CA SER A 204 -9.76 21.51 8.60
C SER A 204 -9.51 20.98 7.21
N ILE A 205 -8.73 19.91 7.10
CA ILE A 205 -8.37 19.23 5.82
C ILE A 205 -8.98 17.83 5.91
N THR A 206 -9.89 17.50 4.99
CA THR A 206 -10.52 16.15 4.90
C THR A 206 -9.74 15.34 3.87
N LEU A 207 -9.47 14.09 4.21
CA LEU A 207 -8.70 13.16 3.34
C LEU A 207 -9.47 11.85 3.23
N GLY A 208 -9.85 11.46 2.03
CA GLY A 208 -10.49 10.17 1.77
C GLY A 208 -11.73 9.94 2.61
N THR A 209 -12.55 10.96 2.78
CA THR A 209 -13.90 10.75 3.38
C THR A 209 -14.96 11.46 2.51
N SER A 210 -16.09 10.78 2.30
CA SER A 210 -17.25 11.31 1.56
C SER A 210 -18.12 12.13 2.51
N LEU A 211 -17.86 12.07 3.83
CA LEU A 211 -18.45 13.01 4.84
C LEU A 211 -19.97 12.79 4.98
N GLN A 212 -20.42 11.56 4.81
CA GLN A 212 -21.86 11.20 4.74
C GLN A 212 -22.37 10.80 6.12
N ILE A 213 -21.48 10.47 7.08
CA ILE A 213 -21.88 9.98 8.43
C ILE A 213 -22.00 11.17 9.38
N ARG A 214 -23.16 11.34 10.01
CA ARG A 214 -23.39 12.24 11.18
C ARG A 214 -23.00 11.52 12.47
N PRO A 215 -22.28 12.17 13.42
CA PRO A 215 -21.80 13.54 13.27
C PRO A 215 -20.41 13.66 12.64
N SER A 216 -19.68 12.54 12.49
CA SER A 216 -18.25 12.49 12.07
C SER A 216 -17.99 13.42 10.88
N GLY A 217 -18.79 13.25 9.81
CA GLY A 217 -18.75 14.00 8.54
C GLY A 217 -19.12 15.47 8.70
N ASN A 218 -19.77 15.84 9.79
CA ASN A 218 -20.20 17.24 10.02
C ASN A 218 -19.09 18.03 10.73
N LEU A 219 -18.14 17.38 11.40
CA LEU A 219 -17.13 18.05 12.27
C LEU A 219 -16.30 19.05 11.46
N PRO A 220 -15.87 18.75 10.22
CA PRO A 220 -15.07 19.71 9.47
C PRO A 220 -15.84 21.02 9.21
N LEU A 221 -17.16 20.98 9.10
CA LEU A 221 -18.01 22.19 8.93
C LEU A 221 -17.87 23.09 10.15
N ALA A 222 -17.68 22.51 11.34
CA ALA A 222 -17.59 23.27 12.60
C ALA A 222 -16.41 24.25 12.51
N THR A 223 -15.35 23.89 11.76
CA THR A 223 -14.15 24.76 11.51
C THR A 223 -14.59 26.06 10.83
N LYS A 224 -15.56 26.00 9.91
CA LYS A 224 -16.05 27.15 9.12
C LYS A 224 -16.66 28.23 10.04
N ARG A 225 -17.09 27.87 11.25
CA ARG A 225 -17.63 28.85 12.23
C ARG A 225 -16.47 29.73 12.73
N ARG A 226 -16.68 31.05 12.67
CA ARG A 226 -15.70 32.11 13.04
C ARG A 226 -14.56 32.11 12.01
N GLY A 227 -14.87 31.78 10.76
CA GLY A 227 -14.07 32.13 9.57
C GLY A 227 -12.96 31.12 9.30
N GLY A 228 -13.10 29.89 9.81
CA GLY A 228 -12.18 28.79 9.51
C GLY A 228 -12.28 28.39 8.05
N ARG A 229 -11.21 27.78 7.55
CA ARG A 229 -11.07 27.30 6.16
C ARG A 229 -11.24 25.78 6.17
N LEU A 230 -11.85 25.28 5.11
CA LEU A 230 -12.14 23.85 4.87
C LEU A 230 -11.54 23.47 3.51
N VAL A 231 -10.67 22.47 3.55
CA VAL A 231 -10.14 21.78 2.34
C VAL A 231 -10.64 20.34 2.34
N ILE A 232 -11.23 19.91 1.22
CA ILE A 232 -11.69 18.52 1.02
C ILE A 232 -10.78 17.87 -0.03
N VAL A 233 -10.09 16.83 0.38
CA VAL A 233 -9.28 15.98 -0.54
C VAL A 233 -10.00 14.64 -0.68
N ASN A 234 -10.44 14.36 -1.90
CA ASN A 234 -11.31 13.20 -2.20
C ASN A 234 -11.44 13.01 -3.71
N LEU A 235 -11.42 11.75 -4.14
CA LEU A 235 -11.62 11.43 -5.58
C LEU A 235 -13.07 11.62 -6.00
N GLN A 236 -14.03 11.31 -5.13
CA GLN A 236 -15.51 11.40 -5.36
C GLN A 236 -15.96 12.73 -4.78
N PRO A 237 -17.15 13.21 -5.17
CA PRO A 237 -17.84 14.28 -4.47
C PRO A 237 -18.11 13.86 -3.02
N THR A 238 -18.23 14.85 -2.12
CA THR A 238 -18.52 14.63 -0.69
C THR A 238 -19.78 15.40 -0.34
N LYS A 239 -20.38 15.07 0.79
CA LYS A 239 -21.67 15.68 1.22
C LYS A 239 -21.50 17.20 1.36
N HIS A 240 -20.34 17.70 1.79
CA HIS A 240 -20.13 19.13 2.15
C HIS A 240 -19.22 19.85 1.16
N ASP A 241 -19.18 19.37 -0.09
CA ASP A 241 -18.34 19.92 -1.18
C ASP A 241 -18.58 21.42 -1.31
N ARG A 242 -19.85 21.85 -1.31
CA ARG A 242 -20.28 23.28 -1.43
C ARG A 242 -19.60 24.15 -0.36
N HIS A 243 -19.32 23.61 0.83
CA HIS A 243 -18.80 24.37 1.99
C HIS A 243 -17.27 24.49 1.95
N ALA A 244 -16.58 23.77 1.03
CA ALA A 244 -15.09 23.75 0.96
C ALA A 244 -14.56 25.05 0.35
N ASP A 245 -13.48 25.58 0.93
CA ASP A 245 -12.71 26.70 0.31
C ASP A 245 -11.88 26.12 -0.83
N LEU A 246 -11.59 24.82 -0.76
CA LEU A 246 -10.65 24.13 -1.68
C LEU A 246 -11.03 22.64 -1.72
N ARG A 247 -11.27 22.11 -2.93
CA ARG A 247 -11.56 20.68 -3.17
C ARG A 247 -10.45 20.21 -4.09
N ILE A 248 -9.74 19.18 -3.67
CA ILE A 248 -8.65 18.56 -4.46
C ILE A 248 -9.10 17.16 -4.82
N HIS A 249 -9.31 16.94 -6.12
CA HIS A 249 -9.69 15.64 -6.69
C HIS A 249 -8.41 14.95 -7.21
N GLY A 250 -7.83 14.11 -6.38
CA GLY A 250 -6.58 13.37 -6.64
C GLY A 250 -6.35 12.33 -5.57
N TYR A 251 -5.43 11.41 -5.80
CA TYR A 251 -5.06 10.34 -4.84
C TYR A 251 -4.43 11.03 -3.64
N VAL A 252 -4.93 10.74 -2.43
CA VAL A 252 -4.45 11.44 -1.22
C VAL A 252 -2.94 11.22 -1.10
N ASP A 253 -2.37 10.12 -1.62
CA ASP A 253 -0.90 9.90 -1.49
C ASP A 253 -0.15 10.91 -2.38
N GLU A 254 -0.60 11.15 -3.62
CA GLU A 254 0.00 12.15 -4.54
C GLU A 254 -0.13 13.54 -3.92
N VAL A 255 -1.27 13.83 -3.31
CA VAL A 255 -1.52 15.17 -2.70
C VAL A 255 -0.57 15.38 -1.51
N MET A 256 -0.52 14.41 -0.59
CA MET A 256 0.24 14.52 0.68
C MET A 256 1.74 14.52 0.34
N THR A 257 2.21 13.75 -0.64
CA THR A 257 3.66 13.74 -0.98
C THR A 257 4.05 15.08 -1.60
N ARG A 258 3.22 15.63 -2.47
CA ARG A 258 3.50 16.94 -3.10
C ARG A 258 3.52 18.01 -2.00
N LEU A 259 2.53 17.98 -1.11
CA LEU A 259 2.41 18.94 0.01
C LEU A 259 3.65 18.88 0.92
N MET A 260 4.05 17.69 1.37
CA MET A 260 5.23 17.50 2.28
C MET A 260 6.46 18.09 1.59
N LYS A 261 6.58 17.87 0.28
CA LYS A 261 7.68 18.44 -0.55
C LYS A 261 7.61 19.97 -0.48
N HIS A 262 6.43 20.58 -0.65
CA HIS A 262 6.24 22.05 -0.54
C HIS A 262 6.64 22.53 0.86
N LEU A 263 6.23 21.80 1.90
CA LEU A 263 6.46 22.20 3.31
C LEU A 263 7.92 21.91 3.69
N GLY A 264 8.67 21.21 2.83
CA GLY A 264 10.09 20.87 3.06
C GLY A 264 10.25 19.82 4.14
N LEU A 265 9.33 18.86 4.24
CA LEU A 265 9.33 17.76 5.25
C LEU A 265 9.46 16.42 4.53
N GLU A 266 10.28 15.53 5.06
CA GLU A 266 10.34 14.12 4.60
C GLU A 266 9.17 13.35 5.22
N ILE A 267 8.70 12.33 4.51
CA ILE A 267 7.77 11.32 5.08
C ILE A 267 8.60 10.25 5.77
N PRO A 268 8.47 10.13 7.10
CA PRO A 268 9.30 9.23 7.90
C PRO A 268 9.05 7.74 7.61
N ALA A 269 10.07 6.94 7.86
CA ALA A 269 10.06 5.46 7.72
C ALA A 269 9.07 4.90 8.74
N TRP A 270 8.34 3.85 8.36
CA TRP A 270 7.51 3.04 9.29
C TRP A 270 8.36 1.91 9.85
N ASP A 271 8.58 1.92 11.17
CA ASP A 271 9.43 0.92 11.89
C ASP A 271 8.64 -0.36 12.11
N GLY A 272 7.40 -0.43 11.63
CA GLY A 272 6.42 -1.51 11.95
C GLY A 272 5.45 -1.06 13.03
N PRO A 273 4.55 -1.94 13.51
CA PRO A 273 3.51 -1.55 14.46
C PRO A 273 4.07 -1.01 15.78
N ARG A 274 3.78 0.26 16.09
CA ARG A 274 4.28 0.92 17.32
C ARG A 274 3.17 1.81 17.86
N VAL A 275 2.95 1.77 19.16
CA VAL A 275 1.92 2.58 19.88
C VAL A 275 2.64 3.71 20.59
N LEU A 276 2.17 4.93 20.38
CA LEU A 276 2.62 6.13 21.12
C LEU A 276 1.40 6.71 21.83
N GLU A 277 1.42 6.74 23.15
CA GLU A 277 0.23 7.23 23.92
C GLU A 277 0.15 8.75 23.83
N ARG A 278 1.28 9.44 23.94
CA ARG A 278 1.30 10.92 24.10
C ARG A 278 2.27 11.56 23.12
N ALA A 279 1.81 12.64 22.48
CA ALA A 279 2.53 13.58 21.59
C ALA A 279 3.75 14.15 22.34
N LEU A 280 4.82 14.47 21.61
CA LEU A 280 6.02 15.18 22.13
C LEU A 280 5.91 16.67 21.83
N PRO A 281 6.78 17.52 22.44
CA PRO A 281 6.98 18.89 21.97
C PRO A 281 7.36 18.82 20.50
N PRO A 282 6.99 19.82 19.67
CA PRO A 282 7.27 19.75 18.24
C PRO A 282 8.77 19.63 17.90
N LEU A 283 9.08 18.84 16.88
CA LEU A 283 10.45 18.82 16.32
C LEU A 283 10.67 20.11 15.56
N PRO A 284 11.94 20.45 15.26
CA PRO A 284 12.24 21.60 14.40
C PRO A 284 11.48 21.45 13.08
N ARG A 285 11.12 22.58 12.48
CA ARG A 285 10.58 22.57 11.10
C ARG A 285 11.16 23.70 10.28
N PRO A 286 11.07 23.60 8.94
CA PRO A 286 11.55 24.66 8.06
C PRO A 286 10.92 25.99 8.45
N PRO A 287 11.61 27.13 8.21
CA PRO A 287 10.97 28.44 8.38
C PRO A 287 9.88 28.56 7.30
N THR A 288 8.85 29.34 7.62
CA THR A 288 7.69 29.68 6.75
C THR A 288 8.09 30.55 5.56
N PRO A 289 7.56 30.27 4.35
CA PRO A 289 7.69 31.22 3.24
C PRO A 289 6.98 32.55 3.49
N LYS A 290 7.38 33.60 2.77
CA LYS A 290 6.58 34.84 2.66
C LYS A 290 5.36 34.53 1.79
N LEU A 291 4.20 35.06 2.15
CA LEU A 291 2.90 34.69 1.51
C LEU A 291 2.29 35.88 0.77
N GLU A 292 1.76 36.88 1.50
CA GLU A 292 0.95 37.98 0.91
C GLU A 292 1.83 38.80 -0.04
N LYS B 9 -6.52 -14.20 -22.76
CA LYS B 9 -6.21 -13.61 -21.41
C LYS B 9 -6.20 -14.70 -20.32
N GLY B 10 -6.40 -15.97 -20.69
CA GLY B 10 -6.21 -17.15 -19.82
C GLY B 10 -7.34 -17.30 -18.81
N LYS B 11 -7.09 -18.05 -17.73
CA LYS B 11 -8.07 -18.30 -16.64
C LYS B 11 -8.11 -17.09 -15.70
N CYS B 12 -9.25 -16.44 -15.62
CA CYS B 12 -9.46 -15.18 -14.87
C CYS B 12 -10.49 -15.40 -13.76
N GLY B 13 -10.25 -14.81 -12.59
CA GLY B 13 -11.23 -14.71 -11.50
C GLY B 13 -11.48 -16.05 -10.82
N LEU B 14 -10.53 -16.98 -10.89
CA LEU B 14 -10.56 -18.24 -10.09
C LEU B 14 -10.67 -17.87 -8.62
N PRO B 15 -11.30 -18.75 -7.80
CA PRO B 15 -11.45 -18.50 -6.37
C PRO B 15 -10.09 -18.50 -5.65
N GLU B 16 -9.99 -17.65 -4.64
CA GLU B 16 -8.82 -17.52 -3.73
C GLU B 16 -8.81 -18.69 -2.76
N ILE B 17 -7.61 -19.12 -2.39
CA ILE B 17 -7.35 -20.14 -1.34
C ILE B 17 -6.59 -19.42 -0.22
N PHE B 18 -7.03 -19.64 1.02
CA PHE B 18 -6.39 -19.11 2.25
C PHE B 18 -5.97 -20.31 3.09
N ASP B 19 -4.66 -20.54 3.19
CA ASP B 19 -4.11 -21.51 4.18
C ASP B 19 -4.50 -21.01 5.56
N PRO B 20 -5.07 -21.88 6.43
CA PRO B 20 -5.36 -21.50 7.80
C PRO B 20 -4.07 -21.14 8.54
N PRO B 21 -4.14 -20.33 9.63
CA PRO B 21 -2.96 -19.73 10.25
C PRO B 21 -1.85 -20.72 10.66
N GLU B 22 -2.25 -21.87 11.21
CA GLU B 22 -1.31 -22.92 11.71
C GLU B 22 -0.53 -23.45 10.51
N GLU B 23 -1.24 -23.75 9.42
CA GLU B 23 -0.67 -24.29 8.16
C GLU B 23 0.18 -23.21 7.48
N LEU B 24 -0.31 -21.98 7.44
CA LEU B 24 0.44 -20.84 6.87
C LEU B 24 1.78 -20.70 7.61
N GLU B 25 1.75 -20.69 8.94
CA GLU B 25 2.95 -20.53 9.81
C GLU B 25 3.94 -21.67 9.51
N ARG B 26 3.45 -22.90 9.40
CA ARG B 26 4.27 -24.10 9.06
C ARG B 26 4.96 -23.91 7.71
N LYS B 27 4.21 -23.52 6.68
CA LYS B 27 4.73 -23.44 5.29
C LYS B 27 5.80 -22.35 5.18
N VAL B 28 5.69 -21.25 5.93
CA VAL B 28 6.67 -20.12 5.85
C VAL B 28 7.94 -20.54 6.60
N TRP B 29 7.82 -21.35 7.65
CA TRP B 29 9.00 -21.93 8.34
C TRP B 29 9.71 -22.88 7.35
N GLU B 30 8.95 -23.66 6.59
CA GLU B 30 9.49 -24.56 5.52
C GLU B 30 10.18 -23.73 4.42
N LEU B 31 9.60 -22.58 4.03
CA LEU B 31 10.19 -21.66 3.02
C LEU B 31 11.55 -21.15 3.54
N ALA B 32 11.61 -20.72 4.80
CA ALA B 32 12.83 -20.28 5.51
C ALA B 32 13.92 -21.37 5.42
N ARG B 33 13.55 -22.60 5.74
CA ARG B 33 14.44 -23.79 5.66
C ARG B 33 14.98 -23.93 4.22
N LEU B 34 14.11 -23.83 3.22
CA LEU B 34 14.51 -23.97 1.79
C LEU B 34 15.43 -22.82 1.37
N VAL B 35 15.22 -21.61 1.90
CA VAL B 35 16.07 -20.42 1.59
C VAL B 35 17.44 -20.67 2.22
N TRP B 36 17.48 -21.17 3.46
CA TRP B 36 18.72 -21.48 4.22
C TRP B 36 19.53 -22.58 3.50
N GLN B 37 18.85 -23.57 2.93
CA GLN B 37 19.49 -24.77 2.32
C GLN B 37 20.01 -24.46 0.91
N SER B 38 19.52 -23.41 0.28
CA SER B 38 19.71 -23.18 -1.17
C SER B 38 20.97 -22.36 -1.43
N SER B 39 21.78 -22.80 -2.39
CA SER B 39 22.98 -22.10 -2.88
C SER B 39 22.55 -20.90 -3.73
N SER B 40 21.53 -21.06 -4.57
CA SER B 40 21.14 -20.08 -5.62
C SER B 40 19.62 -19.91 -5.63
N VAL B 41 19.14 -18.79 -5.09
CA VAL B 41 17.67 -18.52 -4.95
C VAL B 41 17.27 -17.49 -6.01
N VAL B 42 16.27 -17.83 -6.82
CA VAL B 42 15.70 -16.93 -7.85
C VAL B 42 14.24 -16.72 -7.47
N PHE B 43 13.86 -15.45 -7.43
CA PHE B 43 12.45 -15.04 -7.19
C PHE B 43 11.83 -14.63 -8.52
N HIS B 44 10.56 -15.02 -8.70
CA HIS B 44 9.71 -14.66 -9.85
C HIS B 44 8.49 -13.89 -9.35
N THR B 45 8.29 -12.67 -9.85
CA THR B 45 7.21 -11.76 -9.37
C THR B 45 6.25 -11.40 -10.51
N GLY B 46 4.96 -11.36 -10.18
CA GLY B 46 3.88 -10.91 -11.05
C GLY B 46 3.08 -9.88 -10.30
N ALA B 47 1.89 -9.57 -10.82
CA ALA B 47 1.04 -8.42 -10.46
C ALA B 47 0.60 -8.53 -9.01
N GLY B 48 0.54 -9.75 -8.46
CA GLY B 48 0.09 -9.99 -7.07
C GLY B 48 0.95 -9.25 -6.05
N ILE B 49 2.22 -8.96 -6.38
CA ILE B 49 3.12 -8.27 -5.39
C ILE B 49 2.90 -6.76 -5.36
N SER B 50 2.06 -6.19 -6.23
CA SER B 50 1.78 -4.72 -6.30
C SER B 50 0.32 -4.43 -5.95
N THR B 51 -0.47 -5.46 -5.62
CA THR B 51 -1.92 -5.26 -5.31
C THR B 51 -2.06 -4.48 -3.98
N ALA B 52 -1.15 -4.67 -3.01
CA ALA B 52 -1.19 -4.00 -1.68
C ALA B 52 -0.64 -2.57 -1.76
N SER B 53 -0.12 -2.12 -2.92
CA SER B 53 0.14 -0.69 -3.21
C SER B 53 -0.96 -0.06 -4.06
N GLY B 54 -2.08 -0.76 -4.27
CA GLY B 54 -3.27 -0.24 -4.96
C GLY B 54 -3.25 -0.47 -6.46
N ILE B 55 -2.29 -1.23 -7.00
CA ILE B 55 -2.33 -1.57 -8.45
C ILE B 55 -3.02 -2.91 -8.62
N PRO B 56 -4.20 -2.97 -9.30
CA PRO B 56 -5.00 -4.19 -9.37
C PRO B 56 -4.20 -5.16 -10.25
N ASP B 57 -4.29 -6.45 -9.99
CA ASP B 57 -3.63 -7.49 -10.83
C ASP B 57 -4.45 -7.71 -12.12
N PHE B 58 -4.09 -8.73 -12.89
CA PHE B 58 -4.77 -9.03 -14.18
C PHE B 58 -5.90 -10.04 -13.98
N ARG B 59 -5.66 -11.15 -13.28
CA ARG B 59 -6.56 -12.34 -13.28
C ARG B 59 -7.13 -12.64 -11.89
N GLY B 60 -6.89 -11.78 -10.88
CA GLY B 60 -7.49 -11.91 -9.53
C GLY B 60 -9.00 -11.66 -9.58
N PRO B 61 -9.72 -11.83 -8.45
CA PRO B 61 -11.16 -11.52 -8.40
C PRO B 61 -11.53 -10.16 -9.01
N HIS B 62 -10.67 -9.15 -8.83
CA HIS B 62 -10.87 -7.75 -9.32
C HIS B 62 -9.72 -7.36 -10.27
N GLY B 63 -9.10 -8.35 -10.89
CA GLY B 63 -8.03 -8.13 -11.89
C GLY B 63 -8.54 -7.37 -13.11
N VAL B 64 -7.63 -6.70 -13.82
CA VAL B 64 -7.90 -5.92 -15.07
C VAL B 64 -8.70 -6.84 -16.02
N TRP B 65 -8.14 -7.99 -16.40
CA TRP B 65 -8.78 -8.94 -17.37
C TRP B 65 -10.10 -9.49 -16.78
N THR B 66 -10.10 -10.00 -15.54
CA THR B 66 -11.33 -10.50 -14.83
C THR B 66 -12.44 -9.46 -14.91
N MET B 67 -12.15 -8.20 -14.56
CA MET B 67 -13.18 -7.15 -14.48
C MET B 67 -13.71 -6.88 -15.89
N GLU B 68 -12.81 -6.78 -16.87
CA GLU B 68 -13.13 -6.64 -18.32
C GLU B 68 -14.08 -7.75 -18.79
N GLU B 69 -13.80 -9.01 -18.41
CA GLU B 69 -14.59 -10.24 -18.77
C GLU B 69 -16.02 -10.16 -18.21
N ARG B 70 -16.22 -9.47 -17.08
CA ARG B 70 -17.54 -9.36 -16.39
C ARG B 70 -18.17 -8.00 -16.69
N GLY B 71 -17.63 -7.27 -17.67
CA GLY B 71 -18.11 -5.92 -18.04
C GLY B 71 -18.02 -4.95 -16.88
N LEU B 72 -16.94 -5.02 -16.11
CA LEU B 72 -16.62 -4.08 -14.99
C LEU B 72 -15.26 -3.45 -15.29
N ALA B 73 -14.84 -2.44 -14.52
CA ALA B 73 -13.55 -1.75 -14.73
C ALA B 73 -12.62 -2.09 -13.57
N PRO B 74 -11.30 -2.25 -13.81
CA PRO B 74 -10.34 -2.35 -12.72
C PRO B 74 -10.30 -1.01 -11.98
N LYS B 75 -9.92 -1.05 -10.71
CA LYS B 75 -9.84 0.15 -9.85
C LYS B 75 -8.41 0.26 -9.32
N PHE B 76 -7.76 1.38 -9.63
CA PHE B 76 -6.44 1.79 -9.13
C PHE B 76 -6.64 2.65 -7.88
N ASP B 77 -5.88 2.36 -6.83
CA ASP B 77 -5.88 3.20 -5.59
C ASP B 77 -4.64 4.10 -5.60
N THR B 78 -3.85 4.07 -6.67
CA THR B 78 -2.63 4.92 -6.84
C THR B 78 -2.45 5.22 -8.33
N THR B 79 -1.63 6.20 -8.65
CA THR B 79 -1.00 6.26 -10.00
C THR B 79 0.26 5.42 -9.94
N PHE B 80 0.81 5.09 -11.11
CA PHE B 80 2.09 4.38 -11.21
C PHE B 80 3.20 5.21 -10.57
N GLU B 81 3.17 6.55 -10.74
CA GLU B 81 4.18 7.48 -10.16
C GLU B 81 4.07 7.55 -8.64
N SER B 82 2.87 7.53 -8.08
CA SER B 82 2.65 7.69 -6.62
C SER B 82 2.65 6.32 -5.91
N ALA B 83 2.70 5.21 -6.66
CA ALA B 83 2.77 3.84 -6.08
C ALA B 83 4.03 3.73 -5.23
N ARG B 84 3.92 3.11 -4.05
CA ARG B 84 5.11 2.80 -3.23
C ARG B 84 5.38 1.30 -3.31
N PRO B 85 6.68 0.89 -3.37
CA PRO B 85 7.05 -0.50 -3.19
C PRO B 85 6.42 -1.00 -1.89
N THR B 86 5.88 -2.20 -1.99
CA THR B 86 5.29 -3.00 -0.90
C THR B 86 6.40 -3.56 -0.02
N GLN B 87 5.99 -4.05 1.14
CA GLN B 87 6.82 -4.81 2.12
C GLN B 87 7.56 -5.91 1.36
N THR B 88 6.86 -6.57 0.44
CA THR B 88 7.41 -7.65 -0.42
C THR B 88 8.50 -7.09 -1.34
N HIS B 89 8.24 -6.01 -2.06
CA HIS B 89 9.28 -5.30 -2.85
C HIS B 89 10.50 -5.03 -1.95
N MET B 90 10.32 -4.39 -0.79
CA MET B 90 11.45 -3.96 0.09
C MET B 90 12.11 -5.20 0.74
N ALA B 91 11.36 -6.30 0.97
CA ALA B 91 11.94 -7.58 1.43
C ALA B 91 12.91 -8.08 0.36
N LEU B 92 12.51 -8.01 -0.92
CA LEU B 92 13.34 -8.60 -2.04
C LEU B 92 14.64 -7.79 -2.18
N VAL B 93 14.59 -6.49 -1.91
CA VAL B 93 15.79 -5.58 -1.92
C VAL B 93 16.80 -6.12 -0.89
N GLN B 94 16.35 -6.33 0.34
CA GLN B 94 17.16 -6.76 1.50
C GLN B 94 17.75 -8.14 1.25
N LEU B 95 16.94 -9.07 0.73
CA LEU B 95 17.36 -10.47 0.45
C LEU B 95 18.48 -10.43 -0.59
N GLU B 96 18.39 -9.53 -1.56
CA GLU B 96 19.50 -9.36 -2.56
C GLU B 96 20.70 -8.74 -1.83
N ARG B 97 20.47 -7.76 -0.96
CA ARG B 97 21.60 -7.04 -0.30
C ARG B 97 22.43 -8.02 0.56
N VAL B 98 21.80 -9.01 1.21
CA VAL B 98 22.49 -9.92 2.17
C VAL B 98 22.92 -11.23 1.47
N GLY B 99 22.69 -11.36 0.15
CA GLY B 99 23.22 -12.47 -0.66
C GLY B 99 22.29 -13.67 -0.71
N LEU B 100 21.02 -13.53 -0.34
CA LEU B 100 20.08 -14.68 -0.26
C LEU B 100 19.19 -14.76 -1.50
N LEU B 101 19.26 -13.77 -2.38
CA LEU B 101 18.59 -13.72 -3.69
C LEU B 101 19.65 -13.56 -4.79
N ARG B 102 19.75 -14.56 -5.69
CA ARG B 102 20.69 -14.55 -6.84
C ARG B 102 20.10 -13.67 -7.93
N PHE B 103 18.84 -13.86 -8.29
CA PHE B 103 18.23 -13.12 -9.43
C PHE B 103 16.73 -12.95 -9.20
N LEU B 104 16.20 -11.86 -9.74
CA LEU B 104 14.78 -11.47 -9.65
C LEU B 104 14.22 -11.44 -11.07
N VAL B 105 13.25 -12.30 -11.38
CA VAL B 105 12.52 -12.31 -12.68
C VAL B 105 11.11 -11.75 -12.48
N SER B 106 10.79 -10.62 -13.12
CA SER B 106 9.47 -9.95 -12.98
C SER B 106 8.74 -9.80 -14.31
N GLN B 107 7.43 -10.02 -14.25
CA GLN B 107 6.46 -9.80 -15.34
C GLN B 107 5.85 -8.40 -15.20
N ASN B 108 6.20 -7.67 -14.14
CA ASN B 108 5.55 -6.38 -13.78
C ASN B 108 6.21 -5.27 -14.59
N VAL B 109 5.36 -4.42 -15.20
CA VAL B 109 5.75 -3.20 -15.97
C VAL B 109 5.63 -1.96 -15.06
N ASP B 110 5.27 -2.15 -13.78
CA ASP B 110 4.91 -1.02 -12.88
C ASP B 110 6.16 -0.23 -12.46
N GLY B 111 7.38 -0.71 -12.76
CA GLY B 111 8.63 0.00 -12.43
C GLY B 111 8.98 0.00 -10.95
N LEU B 112 8.26 -0.73 -10.08
CA LEU B 112 8.45 -0.64 -8.61
C LEU B 112 9.74 -1.34 -8.20
N HIS B 113 10.10 -2.49 -8.78
CA HIS B 113 11.36 -3.18 -8.41
C HIS B 113 12.53 -2.21 -8.61
N VAL B 114 12.62 -1.54 -9.78
CA VAL B 114 13.68 -0.54 -10.11
C VAL B 114 13.62 0.60 -9.09
N ARG B 115 12.43 1.17 -8.89
CA ARG B 115 12.24 2.38 -8.04
C ARG B 115 12.49 2.05 -6.55
N SER B 116 12.33 0.79 -6.15
CA SER B 116 12.63 0.26 -4.80
C SER B 116 14.14 0.30 -4.53
N GLY B 117 15.00 0.45 -5.56
CA GLY B 117 16.47 0.47 -5.42
C GLY B 117 17.05 -0.92 -5.62
N PHE B 118 16.29 -1.83 -6.24
CA PHE B 118 16.75 -3.19 -6.58
C PHE B 118 17.74 -3.05 -7.73
N PRO B 119 18.91 -3.73 -7.67
CA PRO B 119 19.95 -3.57 -8.68
C PRO B 119 19.52 -4.21 -10.00
N ARG B 120 19.60 -3.38 -11.04
CA ARG B 120 19.09 -3.69 -12.40
C ARG B 120 19.86 -4.87 -12.99
N ASP B 121 21.12 -5.07 -12.59
CA ASP B 121 21.92 -6.19 -13.15
C ASP B 121 21.49 -7.53 -12.53
N LYS B 122 20.60 -7.54 -11.53
CA LYS B 122 20.02 -8.80 -11.00
C LYS B 122 18.51 -8.88 -11.28
N LEU B 123 17.99 -8.04 -12.17
CA LEU B 123 16.54 -7.95 -12.48
C LEU B 123 16.29 -8.20 -13.97
N ALA B 124 15.40 -9.15 -14.29
CA ALA B 124 14.86 -9.35 -15.65
C ALA B 124 13.44 -8.80 -15.65
N GLU B 125 13.22 -7.71 -16.38
CA GLU B 125 11.88 -7.12 -16.60
C GLU B 125 11.34 -7.65 -17.93
N LEU B 126 10.72 -8.84 -17.88
CA LEU B 126 10.34 -9.67 -19.06
C LEU B 126 9.36 -8.92 -19.97
N HIS B 127 8.43 -8.12 -19.43
CA HIS B 127 7.32 -7.50 -20.19
C HIS B 127 7.54 -5.99 -20.31
N GLY B 128 8.68 -5.50 -19.82
CA GLY B 128 9.05 -4.09 -19.85
C GLY B 128 8.82 -3.39 -18.53
N ASN B 129 9.03 -2.09 -18.59
CA ASN B 129 9.01 -1.13 -17.47
C ASN B 129 8.50 0.19 -18.05
N MET B 130 7.36 0.61 -17.52
CA MET B 130 6.60 1.82 -17.91
C MET B 130 7.44 3.09 -17.76
N PHE B 131 8.40 3.12 -16.82
CA PHE B 131 9.30 4.29 -16.58
C PHE B 131 10.51 4.26 -17.51
N VAL B 132 10.73 3.18 -18.26
CA VAL B 132 12.02 2.94 -18.97
C VAL B 132 11.81 3.08 -20.49
N GLU B 133 12.57 3.98 -21.13
CA GLU B 133 12.58 4.13 -22.62
C GLU B 133 13.99 3.78 -23.10
N GLU B 134 14.08 3.26 -24.31
CA GLU B 134 15.30 2.67 -24.90
C GLU B 134 15.55 3.30 -26.27
N CYS B 135 16.81 3.65 -26.53
CA CYS B 135 17.24 4.18 -27.85
C CYS B 135 17.31 3.01 -28.83
N ALA B 136 16.58 3.09 -29.94
CA ALA B 136 16.63 2.07 -31.01
C ALA B 136 18.06 1.92 -31.53
N LYS B 137 18.80 3.03 -31.68
CA LYS B 137 20.15 2.99 -32.33
C LYS B 137 21.16 2.33 -31.40
N CYS B 138 21.34 2.82 -30.16
CA CYS B 138 22.46 2.35 -29.30
C CYS B 138 21.95 1.48 -28.14
N LYS B 139 20.64 1.27 -28.04
CA LYS B 139 20.02 0.38 -27.02
C LYS B 139 20.27 0.95 -25.62
N THR B 140 20.60 2.24 -25.49
CA THR B 140 20.85 2.85 -24.16
C THR B 140 19.50 3.09 -23.50
N GLN B 141 19.35 2.64 -22.25
CA GLN B 141 18.07 2.72 -21.50
C GLN B 141 18.09 3.96 -20.61
N TYR B 142 16.94 4.63 -20.53
CA TYR B 142 16.69 5.79 -19.64
C TYR B 142 15.61 5.36 -18.65
N VAL B 143 15.93 5.40 -17.35
CA VAL B 143 14.93 5.22 -16.25
C VAL B 143 14.43 6.62 -15.90
N ARG B 144 13.18 6.90 -16.25
CA ARG B 144 12.55 8.23 -16.09
C ARG B 144 11.83 8.25 -14.74
N ASP B 145 11.59 9.45 -14.22
CA ASP B 145 10.82 9.72 -12.97
C ASP B 145 9.31 9.71 -13.26
N THR B 146 8.89 9.75 -14.53
CA THR B 146 7.45 9.70 -14.92
C THR B 146 7.25 8.55 -15.90
N VAL B 147 6.02 8.05 -16.01
CA VAL B 147 5.66 6.94 -16.95
C VAL B 147 5.88 7.46 -18.36
N VAL B 148 6.58 6.68 -19.17
CA VAL B 148 6.79 6.92 -20.62
C VAL B 148 5.43 6.73 -21.31
N GLY B 149 4.99 7.73 -22.07
CA GLY B 149 3.57 7.94 -22.44
C GLY B 149 3.03 6.97 -23.45
N THR B 150 3.85 6.06 -24.00
CA THR B 150 3.40 5.11 -25.05
C THR B 150 3.56 3.67 -24.54
N MET B 151 2.97 2.73 -25.28
CA MET B 151 3.15 1.27 -25.08
C MET B 151 3.34 0.62 -26.46
N GLY B 152 3.90 -0.58 -26.50
CA GLY B 152 4.04 -1.39 -27.73
C GLY B 152 5.32 -1.08 -28.48
N LEU B 153 6.35 -0.59 -27.79
CA LEU B 153 7.69 -0.28 -28.35
C LEU B 153 7.59 0.85 -29.38
N LYS B 154 6.74 1.84 -29.14
CA LYS B 154 6.52 3.03 -30.03
C LYS B 154 7.52 4.13 -29.71
N ALA B 155 7.76 5.04 -30.67
CA ALA B 155 8.55 6.26 -30.47
C ALA B 155 7.86 7.12 -29.41
N THR B 156 8.61 7.53 -28.38
CA THR B 156 8.11 8.39 -27.26
C THR B 156 8.14 9.87 -27.67
N GLY B 157 8.91 10.21 -28.71
CA GLY B 157 9.09 11.58 -29.20
C GLY B 157 10.34 12.24 -28.63
N ARG B 158 11.09 11.54 -27.79
CA ARG B 158 12.37 12.04 -27.21
C ARG B 158 13.52 11.36 -27.93
N LEU B 159 14.73 11.96 -27.87
CA LEU B 159 15.93 11.50 -28.61
C LEU B 159 17.07 11.21 -27.64
N CYS B 160 17.91 10.25 -28.01
CA CYS B 160 19.08 9.80 -27.22
C CYS B 160 20.04 10.97 -26.98
N THR B 161 20.51 11.10 -25.74
CA THR B 161 21.45 12.18 -25.32
C THR B 161 22.88 11.63 -25.16
N VAL B 162 23.12 10.38 -25.58
CA VAL B 162 24.47 9.74 -25.45
C VAL B 162 25.51 10.61 -26.18
N ALA B 163 26.64 10.89 -25.51
CA ALA B 163 27.67 11.87 -25.91
C ALA B 163 27.87 11.84 -27.43
N CYS B 171 24.00 10.95 -30.57
CA CYS B 171 23.25 9.79 -31.10
C CYS B 171 21.92 10.26 -31.70
N ARG B 172 21.20 11.11 -30.96
CA ARG B 172 19.86 11.64 -31.35
C ARG B 172 18.97 10.48 -31.83
N GLY B 173 19.31 9.25 -31.43
CA GLY B 173 18.52 8.03 -31.72
C GLY B 173 17.13 8.12 -31.13
N GLU B 174 16.15 7.54 -31.82
CA GLU B 174 14.71 7.51 -31.45
C GLU B 174 14.56 6.70 -30.14
N LEU B 175 14.11 7.34 -29.05
CA LEU B 175 13.75 6.64 -27.79
C LEU B 175 12.35 6.03 -27.95
N ARG B 176 12.21 4.76 -27.57
CA ARG B 176 10.94 3.99 -27.64
C ARG B 176 10.62 3.39 -26.26
N ASP B 177 9.34 3.21 -25.93
CA ASP B 177 8.94 2.55 -24.65
C ASP B 177 9.47 1.11 -24.68
N THR B 178 9.44 0.40 -23.55
CA THR B 178 9.89 -1.02 -23.46
C THR B 178 8.71 -1.94 -23.15
N ILE B 179 7.49 -1.44 -23.29
CA ILE B 179 6.26 -2.22 -22.99
C ILE B 179 5.90 -3.07 -24.21
N LEU B 180 6.04 -4.39 -24.08
CA LEU B 180 5.60 -5.41 -25.07
C LEU B 180 4.10 -5.28 -25.29
N ASP B 181 3.64 -5.25 -26.53
CA ASP B 181 2.23 -5.56 -26.90
C ASP B 181 2.13 -7.07 -27.07
N TRP B 182 0.93 -7.59 -27.37
CA TRP B 182 0.63 -9.06 -27.37
C TRP B 182 1.59 -9.80 -28.30
N GLU B 183 1.87 -9.25 -29.49
CA GLU B 183 2.62 -9.96 -30.57
C GLU B 183 4.13 -9.87 -30.35
N ASP B 184 4.61 -8.96 -29.49
CA ASP B 184 6.05 -8.65 -29.33
C ASP B 184 6.78 -9.80 -28.63
N SER B 185 7.99 -10.11 -29.12
CA SER B 185 8.95 -11.04 -28.46
C SER B 185 9.48 -10.37 -27.19
N LEU B 186 9.84 -11.18 -26.20
CA LEU B 186 10.46 -10.70 -24.94
C LEU B 186 11.86 -10.19 -25.24
N PRO B 187 12.37 -9.22 -24.46
CA PRO B 187 13.74 -8.73 -24.64
C PRO B 187 14.72 -9.90 -24.40
N ASP B 188 15.60 -10.16 -25.37
CA ASP B 188 16.47 -11.37 -25.43
C ASP B 188 17.44 -11.38 -24.25
N ARG B 189 18.00 -10.21 -23.91
CA ARG B 189 18.96 -10.05 -22.79
C ARG B 189 18.29 -10.48 -21.47
N ASP B 190 17.12 -9.90 -21.17
CA ASP B 190 16.36 -10.17 -19.92
C ASP B 190 15.93 -11.64 -19.89
N LEU B 191 15.41 -12.17 -21.00
CA LEU B 191 14.90 -13.56 -21.08
C LEU B 191 16.09 -14.53 -20.99
N ALA B 192 17.17 -14.25 -21.73
CA ALA B 192 18.43 -15.01 -21.67
C ALA B 192 18.86 -15.13 -20.21
N LEU B 193 19.00 -14.00 -19.50
CA LEU B 193 19.52 -13.94 -18.10
C LEU B 193 18.51 -14.60 -17.14
N ALA B 194 17.21 -14.39 -17.34
CA ALA B 194 16.15 -15.02 -16.52
C ALA B 194 16.23 -16.55 -16.66
N ASP B 195 16.35 -17.05 -17.90
CA ASP B 195 16.45 -18.51 -18.21
C ASP B 195 17.69 -19.09 -17.52
N GLU B 196 18.84 -18.45 -17.67
CA GLU B 196 20.12 -18.89 -17.06
C GLU B 196 19.96 -18.97 -15.54
N ALA B 197 19.40 -17.93 -14.91
CA ALA B 197 19.24 -17.85 -13.44
C ALA B 197 18.31 -18.99 -12.99
N SER B 198 17.20 -19.19 -13.68
CA SER B 198 16.16 -20.19 -13.33
C SER B 198 16.71 -21.61 -13.45
N ARG B 199 17.51 -21.88 -14.49
CA ARG B 199 18.09 -23.21 -14.81
C ARG B 199 19.14 -23.58 -13.74
N ASN B 200 19.91 -22.60 -13.27
CA ASN B 200 21.05 -22.80 -12.33
C ASN B 200 20.60 -22.67 -10.88
N ALA B 201 19.39 -22.17 -10.62
CA ALA B 201 18.82 -22.05 -9.25
C ALA B 201 18.52 -23.45 -8.70
N ASP B 202 18.71 -23.64 -7.38
CA ASP B 202 18.19 -24.85 -6.68
C ASP B 202 16.92 -24.49 -5.89
N LEU B 203 16.51 -23.21 -5.91
CA LEU B 203 15.19 -22.77 -5.39
C LEU B 203 14.66 -21.61 -6.24
N SER B 204 13.47 -21.80 -6.78
CA SER B 204 12.66 -20.75 -7.44
C SER B 204 11.44 -20.51 -6.58
N ILE B 205 11.25 -19.28 -6.15
CA ILE B 205 10.07 -18.83 -5.35
C ILE B 205 9.25 -17.91 -6.25
N THR B 206 8.01 -18.28 -6.56
CA THR B 206 7.04 -17.40 -7.29
C THR B 206 6.20 -16.65 -6.25
N LEU B 207 5.99 -15.36 -6.52
CA LEU B 207 5.21 -14.42 -5.67
C LEU B 207 4.21 -13.70 -6.58
N GLY B 208 2.92 -13.88 -6.29
CA GLY B 208 1.78 -13.22 -6.93
C GLY B 208 1.88 -13.24 -8.44
N THR B 209 2.11 -14.42 -9.01
CA THR B 209 1.92 -14.69 -10.46
C THR B 209 1.12 -15.99 -10.58
N SER B 210 0.16 -16.00 -11.50
CA SER B 210 -0.67 -17.17 -11.82
C SER B 210 0.07 -18.06 -12.83
N LEU B 211 1.18 -17.58 -13.40
CA LEU B 211 2.18 -18.37 -14.19
C LEU B 211 1.57 -18.81 -15.54
N GLN B 212 0.62 -18.04 -16.08
CA GLN B 212 -0.16 -18.44 -17.27
C GLN B 212 0.50 -17.96 -18.57
N ILE B 213 1.50 -17.09 -18.50
CA ILE B 213 2.14 -16.46 -19.69
C ILE B 213 3.39 -17.30 -20.05
N ARG B 214 3.49 -17.71 -21.31
CA ARG B 214 4.70 -18.34 -21.91
C ARG B 214 5.56 -17.23 -22.48
N PRO B 215 6.90 -17.24 -22.30
CA PRO B 215 7.60 -18.25 -21.51
C PRO B 215 7.81 -17.91 -20.03
N SER B 216 7.42 -16.70 -19.63
CA SER B 216 7.68 -16.11 -18.29
C SER B 216 7.26 -17.08 -17.18
N GLY B 217 6.01 -17.56 -17.26
CA GLY B 217 5.40 -18.48 -16.28
C GLY B 217 6.03 -19.85 -16.30
N ASN B 218 6.79 -20.21 -17.34
CA ASN B 218 7.46 -21.54 -17.45
C ASN B 218 8.85 -21.52 -16.81
N LEU B 219 9.48 -20.34 -16.69
CA LEU B 219 10.88 -20.21 -16.19
C LEU B 219 11.06 -20.88 -14.84
N PRO B 220 10.14 -20.71 -13.85
CA PRO B 220 10.30 -21.36 -12.55
C PRO B 220 10.40 -22.89 -12.64
N LEU B 221 9.73 -23.50 -13.62
CA LEU B 221 9.80 -24.97 -13.87
C LEU B 221 11.22 -25.38 -14.24
N ALA B 222 11.95 -24.52 -14.95
CA ALA B 222 13.34 -24.77 -15.40
C ALA B 222 14.21 -25.11 -14.18
N THR B 223 13.92 -24.51 -13.01
CA THR B 223 14.61 -24.77 -11.71
C THR B 223 14.47 -26.25 -11.34
N LYS B 224 13.33 -26.87 -11.66
CA LYS B 224 13.00 -28.28 -11.30
C LYS B 224 13.95 -29.25 -12.00
N ARG B 225 14.54 -28.87 -13.14
CA ARG B 225 15.58 -29.66 -13.86
C ARG B 225 16.83 -29.79 -12.97
N ARG B 226 17.32 -31.01 -12.79
CA ARG B 226 18.51 -31.36 -11.97
C ARG B 226 18.21 -31.09 -10.48
N GLY B 227 16.95 -31.27 -10.08
CA GLY B 227 16.55 -31.49 -8.68
C GLY B 227 16.29 -30.19 -7.94
N GLY B 228 16.06 -29.09 -8.64
CA GLY B 228 15.74 -27.80 -8.00
C GLY B 228 14.40 -27.88 -7.29
N ARG B 229 14.19 -27.01 -6.30
CA ARG B 229 12.91 -26.90 -5.57
C ARG B 229 12.15 -25.71 -6.13
N LEU B 230 10.83 -25.80 -6.12
CA LEU B 230 9.92 -24.73 -6.60
C LEU B 230 8.93 -24.44 -5.47
N VAL B 231 8.82 -23.18 -5.12
CA VAL B 231 7.80 -22.71 -4.14
C VAL B 231 6.90 -21.74 -4.91
N ILE B 232 5.60 -21.94 -4.78
CA ILE B 232 4.59 -21.04 -5.37
C ILE B 232 3.86 -20.36 -4.22
N VAL B 233 3.93 -19.03 -4.18
CA VAL B 233 3.16 -18.14 -3.25
C VAL B 233 2.13 -17.37 -4.08
N ASN B 234 0.86 -17.66 -3.84
CA ASN B 234 -0.27 -17.11 -4.63
C ASN B 234 -1.59 -17.35 -3.91
N LEU B 235 -2.52 -16.42 -4.01
CA LEU B 235 -3.85 -16.57 -3.36
C LEU B 235 -4.73 -17.50 -4.20
N GLN B 236 -4.57 -17.45 -5.52
CA GLN B 236 -5.31 -18.27 -6.51
C GLN B 236 -4.45 -19.46 -6.92
N PRO B 237 -5.05 -20.52 -7.49
CA PRO B 237 -4.30 -21.57 -8.18
C PRO B 237 -3.47 -20.98 -9.32
N THR B 238 -2.31 -21.56 -9.58
CA THR B 238 -1.44 -21.19 -10.73
C THR B 238 -1.39 -22.37 -11.71
N LYS B 239 -0.96 -22.09 -12.94
CA LYS B 239 -0.85 -23.09 -14.02
C LYS B 239 0.02 -24.29 -13.58
N HIS B 240 1.06 -24.08 -12.79
CA HIS B 240 2.09 -25.11 -12.48
C HIS B 240 2.06 -25.52 -11.00
N ASP B 241 0.88 -25.45 -10.36
CA ASP B 241 0.67 -25.81 -8.93
C ASP B 241 1.13 -27.25 -8.68
N ARG B 242 0.88 -28.14 -9.63
CA ARG B 242 1.24 -29.57 -9.56
C ARG B 242 2.76 -29.73 -9.41
N HIS B 243 3.55 -28.85 -10.04
CA HIS B 243 5.04 -28.95 -10.09
C HIS B 243 5.72 -28.35 -8.85
N ALA B 244 4.98 -27.66 -7.98
CA ALA B 244 5.52 -27.02 -6.75
C ALA B 244 5.83 -28.04 -5.66
N ASP B 245 6.96 -27.88 -4.98
CA ASP B 245 7.30 -28.65 -3.76
C ASP B 245 6.54 -28.06 -2.58
N LEU B 246 6.17 -26.77 -2.69
CA LEU B 246 5.52 -25.98 -1.62
C LEU B 246 4.63 -24.92 -2.28
N ARG B 247 3.35 -24.90 -1.92
CA ARG B 247 2.38 -23.85 -2.31
C ARG B 247 1.95 -23.13 -1.03
N ILE B 248 2.08 -21.81 -1.02
CA ILE B 248 1.62 -20.99 0.12
C ILE B 248 0.49 -20.10 -0.38
N HIS B 249 -0.70 -20.34 0.12
CA HIS B 249 -1.94 -19.58 -0.16
C HIS B 249 -2.08 -18.51 0.91
N GLY B 250 -1.56 -17.31 0.64
CA GLY B 250 -1.58 -16.20 1.60
C GLY B 250 -1.20 -14.89 0.94
N TYR B 251 -1.46 -13.77 1.60
CA TYR B 251 -0.95 -12.46 1.14
C TYR B 251 0.57 -12.54 1.12
N VAL B 252 1.19 -12.19 -0.01
CA VAL B 252 2.67 -12.21 -0.18
C VAL B 252 3.32 -11.31 0.87
N ASP B 253 2.69 -10.21 1.30
CA ASP B 253 3.26 -9.34 2.35
C ASP B 253 3.34 -10.08 3.69
N GLU B 254 2.29 -10.81 4.11
CA GLU B 254 2.29 -11.61 5.37
C GLU B 254 3.36 -12.69 5.27
N VAL B 255 3.39 -13.39 4.13
CA VAL B 255 4.37 -14.48 3.90
C VAL B 255 5.79 -13.93 4.02
N MET B 256 6.11 -12.88 3.26
CA MET B 256 7.45 -12.26 3.17
C MET B 256 7.83 -11.64 4.52
N THR B 257 6.91 -11.01 5.26
CA THR B 257 7.25 -10.40 6.57
C THR B 257 7.56 -11.51 7.59
N ARG B 258 6.80 -12.60 7.57
CA ARG B 258 7.03 -13.75 8.47
C ARG B 258 8.38 -14.37 8.11
N LEU B 259 8.64 -14.56 6.82
CA LEU B 259 9.90 -15.16 6.34
C LEU B 259 11.12 -14.32 6.77
N MET B 260 11.10 -13.01 6.54
CA MET B 260 12.21 -12.09 6.90
C MET B 260 12.47 -12.18 8.41
N LYS B 261 11.41 -12.30 9.20
CA LYS B 261 11.51 -12.49 10.68
C LYS B 261 12.26 -13.80 10.96
N HIS B 262 11.88 -14.91 10.32
CA HIS B 262 12.56 -16.23 10.46
C HIS B 262 14.05 -16.10 10.09
N LEU B 263 14.38 -15.37 9.02
CA LEU B 263 15.77 -15.18 8.52
C LEU B 263 16.52 -14.17 9.39
N GLY B 264 15.83 -13.45 10.28
CA GLY B 264 16.42 -12.41 11.14
C GLY B 264 16.84 -11.18 10.34
N LEU B 265 16.13 -10.83 9.25
CA LEU B 265 16.41 -9.63 8.44
C LEU B 265 15.30 -8.60 8.64
N GLU B 266 15.66 -7.34 8.79
CA GLU B 266 14.72 -6.19 8.76
C GLU B 266 14.29 -5.93 7.32
N ILE B 267 13.08 -5.44 7.13
CA ILE B 267 12.64 -4.91 5.81
C ILE B 267 13.03 -3.45 5.77
N PRO B 268 13.96 -3.07 4.86
CA PRO B 268 14.54 -1.72 4.84
C PRO B 268 13.50 -0.67 4.43
N ALA B 269 13.74 0.56 4.90
CA ALA B 269 12.98 1.78 4.59
C ALA B 269 13.11 2.10 3.10
N TRP B 270 12.04 2.56 2.48
CA TRP B 270 12.07 3.05 1.09
C TRP B 270 12.35 4.56 1.12
N ASP B 271 13.51 4.98 0.61
CA ASP B 271 13.96 6.40 0.61
C ASP B 271 13.21 7.19 -0.48
N GLY B 272 12.28 6.56 -1.21
CA GLY B 272 11.66 7.14 -2.40
C GLY B 272 12.32 6.60 -3.67
N PRO B 273 11.88 7.05 -4.87
CA PRO B 273 12.35 6.48 -6.14
C PRO B 273 13.86 6.63 -6.30
N ARG B 274 14.55 5.50 -6.41
CA ARG B 274 16.03 5.45 -6.57
C ARG B 274 16.39 4.32 -7.51
N VAL B 275 17.32 4.57 -8.41
CA VAL B 275 17.78 3.59 -9.43
C VAL B 275 19.17 3.12 -9.04
N LEU B 276 19.35 1.82 -8.86
CA LEU B 276 20.66 1.19 -8.65
C LEU B 276 20.97 0.33 -9.87
N GLU B 277 22.02 0.65 -10.62
CA GLU B 277 22.38 -0.09 -11.85
C GLU B 277 22.98 -1.45 -11.49
N ARG B 278 23.87 -1.50 -10.48
CA ARG B 278 24.67 -2.70 -10.19
C ARG B 278 24.64 -3.06 -8.71
N ALA B 279 24.44 -4.35 -8.46
CA ALA B 279 24.45 -5.03 -7.14
C ALA B 279 25.82 -4.82 -6.49
N LEU B 280 25.83 -4.73 -5.16
CA LEU B 280 27.06 -4.67 -4.33
C LEU B 280 27.43 -6.09 -3.88
N PRO B 281 28.66 -6.29 -3.36
CA PRO B 281 28.99 -7.48 -2.59
C PRO B 281 27.98 -7.61 -1.45
N PRO B 282 27.66 -8.84 -1.01
CA PRO B 282 26.63 -9.04 0.00
C PRO B 282 26.97 -8.33 1.33
N LEU B 283 25.94 -7.78 1.97
CA LEU B 283 26.06 -7.26 3.35
C LEU B 283 26.16 -8.45 4.28
N PRO B 284 26.66 -8.24 5.52
CA PRO B 284 26.63 -9.27 6.55
C PRO B 284 25.21 -9.79 6.76
N ARG B 285 25.05 -11.08 7.06
CA ARG B 285 23.72 -11.65 7.37
C ARG B 285 23.84 -12.55 8.59
N PRO B 286 22.71 -12.88 9.25
CA PRO B 286 22.77 -13.75 10.42
C PRO B 286 23.39 -15.09 10.02
N PRO B 287 24.02 -15.82 10.98
CA PRO B 287 24.47 -17.18 10.73
C PRO B 287 23.23 -18.06 10.51
N THR B 288 23.42 -19.19 9.85
CA THR B 288 22.36 -20.15 9.43
C THR B 288 22.00 -21.06 10.60
N PRO B 289 20.70 -21.36 10.82
CA PRO B 289 20.32 -22.40 11.78
C PRO B 289 20.85 -23.79 11.40
N LYS B 290 20.97 -24.70 12.37
CA LYS B 290 21.10 -26.15 12.10
C LYS B 290 19.77 -26.67 11.56
N LEU B 291 19.79 -27.60 10.61
CA LEU B 291 18.58 -28.03 9.85
C LEU B 291 18.27 -29.51 10.13
N GLU B 292 19.14 -30.44 9.70
CA GLU B 292 19.01 -31.91 9.94
C GLU B 292 19.63 -32.25 11.30
N1 AR6 C . -7.29 9.10 -2.67
C2 AR6 C . -8.32 9.94 -2.52
N3 AR6 C . -9.60 9.67 -2.28
C4 AR6 C . -9.79 8.34 -2.16
C5 AR6 C . -8.84 7.36 -2.31
C6 AR6 C . -7.53 7.76 -2.60
N6 AR6 C . -6.51 6.92 -2.73
N7 AR6 C . -9.42 6.11 -2.12
C8 AR6 C . -10.68 6.36 -1.86
N9 AR6 C . -10.97 7.68 -1.91
PA AR6 C . -16.30 6.35 2.14
PB AR6 C . -15.75 7.10 4.89
C1' AR6 C . -12.20 8.34 -1.59
O1A AR6 C . -17.70 6.77 2.37
O1B AR6 C . -14.57 7.04 5.80
C1D AR6 C . -18.97 3.50 6.98
O1D AR6 C . -20.20 2.94 7.36
C2' AR6 C . -13.47 7.83 -2.24
O2' AR6 C . -13.65 8.53 -3.44
O2A AR6 C . -15.94 5.11 1.38
O2B AR6 C . -16.16 8.46 4.53
C2D AR6 C . -18.02 3.32 8.18
O2D AR6 C . -18.75 3.34 9.40
C3' AR6 C . -14.56 8.11 -1.19
O3' AR6 C . -15.45 9.17 -1.46
O3A AR6 C . -15.56 6.18 3.58
C3D AR6 C . -17.05 4.47 7.95
O3D AR6 C . -16.17 4.79 9.06
C4' AR6 C . -13.76 8.31 0.11
O4' AR6 C . -12.36 8.15 -0.20
C4D AR6 C . -18.04 5.58 7.60
O4D AR6 C . -19.05 4.91 6.79
C5' AR6 C . -14.12 7.32 1.16
O5' AR6 C . -15.50 7.54 1.52
C5D AR6 C . -17.49 6.76 6.82
O5D AR6 C . -16.94 6.29 5.56
ZN ZN D . -10.36 -2.79 34.21
O1 PG4 E . -19.36 -1.11 9.91
C1 PG4 E . -20.61 -0.47 9.73
C2 PG4 E . -21.30 -0.20 11.02
O2 PG4 E . -20.60 0.81 11.73
C3 PG4 E . -21.40 1.52 12.66
C4 PG4 E . -20.74 2.83 13.00
O3 PG4 E . -21.39 3.90 12.32
C5 PG4 E . -20.85 5.18 12.67
C6 PG4 E . -21.94 6.20 12.70
O4 PG4 E . -22.39 6.43 14.04
C7 PG4 E . -23.59 7.18 14.09
C8 PG4 E . -23.89 7.60 15.50
O5 PG4 E . -25.22 7.26 15.91
C1 EDO F . -11.51 -8.40 9.60
O1 EDO F . -10.74 -9.28 10.35
C2 EDO F . -12.67 -7.88 10.36
O2 EDO F . -12.27 -7.18 11.49
C1 PEG G . -4.87 6.08 -12.04
O1 PEG G . -5.85 7.03 -12.45
C2 PEG G . -3.68 6.05 -12.96
O2 PEG G . -3.32 4.70 -13.27
C3 PEG G . -4.23 4.05 -14.15
C4 PEG G . -3.51 3.44 -15.30
O4 PEG G . -4.34 3.31 -16.45
S SO4 H . -10.24 -3.53 -5.78
O1 SO4 H . -10.23 -2.36 -4.97
O2 SO4 H . -10.28 -4.70 -4.94
O3 SO4 H . -9.07 -3.59 -6.59
O4 SO4 H . -11.41 -3.54 -6.61
S SO4 I . -13.68 22.17 -8.13
O1 SO4 I . -13.98 21.31 -7.02
O2 SO4 I . -14.81 23.04 -8.36
O3 SO4 I . -13.45 21.39 -9.31
O4 SO4 I . -12.52 22.97 -7.85
S SO4 J . 9.10 2.63 4.97
O1 SO4 J . 8.75 1.58 5.89
O2 SO4 J . 8.00 3.56 4.89
O3 SO4 J . 10.29 3.30 5.43
O4 SO4 J . 9.34 2.07 3.65
S SO4 K . -24.45 16.69 13.91
O1 SO4 K . -24.39 17.16 15.26
O2 SO4 K . -25.67 17.15 13.29
O3 SO4 K . -23.32 17.20 13.17
O4 SO4 K . -24.43 15.25 13.90
S SO4 L . -10.31 -12.55 19.97
O1 SO4 L . -10.08 -13.05 21.29
O2 SO4 L . -10.11 -11.12 19.95
O3 SO4 L . -11.67 -12.86 19.60
O4 SO4 L . -9.39 -13.20 19.05
S SO4 M . -20.03 28.37 3.63
O1 SO4 M . -19.93 27.67 4.89
O2 SO4 M . -20.87 29.53 3.79
O3 SO4 M . -18.72 28.78 3.19
O4 SO4 M . -20.61 27.50 2.64
S SO4 N . -16.79 -0.95 -11.92
O1 SO4 N . -17.18 0.08 -10.98
O2 SO4 N . -16.92 -2.24 -11.30
O3 SO4 N . -15.42 -0.74 -12.30
O4 SO4 N . -17.64 -0.88 -13.07
C2 I7B O . -12.72 -1.05 7.79
C1 I7B O . -12.32 -0.19 6.78
C6 I7B O . -12.70 -0.45 5.45
C5 I7B O . -13.47 -1.55 5.16
C4 I7B O . -13.88 -2.39 6.17
C3 I7B O . -13.53 -2.15 7.50
S1 I7B O . -11.32 1.21 7.22
N1 I7B O . -9.92 1.09 6.43
O2 I7B O . -11.99 2.39 6.77
O1 I7B O . -11.01 1.09 8.61
S2 I7B O . -14.02 -3.18 8.87
N2 I7B O . -15.56 -2.97 9.17
O3 I7B O . -13.79 -4.55 8.50
O4 I7B O . -13.32 -2.64 9.99
N3 I7B O . -12.35 0.41 4.41
CL1 I7B O . -14.88 -3.73 5.69
CL CL P . -8.07 -9.14 8.48
C1 EDO Q . -8.79 -10.46 4.35
O1 EDO Q . -8.71 -11.86 4.64
C2 EDO Q . -10.04 -9.80 4.82
O2 EDO Q . -10.04 -9.51 6.20
N1 AR6 R . -0.71 -12.03 -2.25
C2 AR6 R . -0.71 -13.17 -2.96
N3 AR6 R . -1.18 -13.41 -4.17
C4 AR6 R . -1.75 -12.31 -4.69
C5 AR6 R . -1.88 -11.08 -4.08
C6 AR6 R . -1.32 -10.94 -2.79
N6 AR6 R . -1.35 -9.81 -2.11
N7 AR6 R . -2.52 -10.19 -4.94
C8 AR6 R . -2.79 -10.89 -6.02
N9 AR6 R . -2.35 -12.19 -5.91
PA AR6 R . -2.01 -12.38 -12.77
PB AR6 R . 0.72 -12.04 -13.69
C1' AR6 R . -2.36 -13.21 -6.90
O1A AR6 R . -2.27 -13.39 -13.83
O1B AR6 R . 1.86 -11.16 -13.24
C1D AR6 R . -0.63 -9.93 -18.30
O1D AR6 R . -1.05 -10.03 -19.61
C2' AR6 R . -3.67 -13.54 -7.62
O2' AR6 R . -4.35 -14.62 -7.03
O2A AR6 R . -3.12 -11.48 -12.31
O2B AR6 R . 0.83 -13.49 -13.40
C2D AR6 R . 0.59 -9.00 -18.22
O2D AR6 R . 1.40 -9.06 -19.37
C3' AR6 R . -3.20 -13.92 -9.03
O3' AR6 R . -3.25 -15.33 -9.19
O3A AR6 R . -0.69 -11.52 -13.14
C3D AR6 R . 1.33 -9.57 -17.03
O3D AR6 R . 2.68 -9.13 -16.94
C4' AR6 R . -1.76 -13.41 -9.14
O4' AR6 R . -1.49 -12.74 -7.89
C4D AR6 R . 1.20 -11.06 -17.36
O4D AR6 R . -0.17 -11.18 -17.81
C5' AR6 R . -1.53 -12.42 -10.24
O5' AR6 R . -1.51 -13.15 -11.49
C5D AR6 R . 1.44 -12.03 -16.24
O5D AR6 R . 0.44 -11.81 -15.23
ZN ZN S . 21.30 6.16 -28.64
O1 PG4 T . -1.01 -5.81 -21.30
C1 PG4 T . -1.22 -6.60 -22.46
C2 PG4 T . 0.05 -6.90 -23.21
O2 PG4 T . 0.45 -8.25 -22.99
C3 PG4 T . 1.73 -8.56 -23.53
C4 PG4 T . 2.73 -8.70 -22.43
O3 PG4 T . 2.93 -10.08 -22.14
C5 PG4 T . 4.06 -10.64 -22.79
C6 PG4 T . 3.75 -12.01 -23.29
O4 PG4 T . 4.49 -12.29 -24.47
C7 PG4 T . 4.23 -13.59 -24.99
C8 PG4 T . 5.20 -13.89 -26.09
O5 PG4 T . 4.85 -13.25 -27.31
S SO4 U . -1.77 -27.31 -0.92
O1 SO4 U . -2.89 -26.80 -0.17
O2 SO4 U . -0.58 -27.22 -0.13
O3 SO4 U . -1.62 -26.54 -2.13
O4 SO4 U . -2.01 -28.68 -1.26
S SO4 V . 8.10 -21.65 -23.38
O1 SO4 V . 8.10 -22.06 -21.99
O2 SO4 V . 7.10 -20.65 -23.59
O3 SO4 V . 9.40 -21.10 -23.70
O4 SO4 V . 7.83 -22.79 -24.22
S SO4 W . 5.73 11.18 -22.82
O1 SO4 W . 5.27 11.77 -21.58
O2 SO4 W . 4.60 10.69 -23.56
O3 SO4 W . 6.40 12.19 -23.58
O4 SO4 W . 6.63 10.09 -22.54
S SO4 X . 7.70 -32.49 -11.56
O1 SO4 X . 8.32 -33.24 -10.50
O2 SO4 X . 6.47 -31.93 -11.07
O3 SO4 X . 8.58 -31.43 -11.97
O4 SO4 X . 7.44 -33.36 -12.67
S SO4 Y . -16.64 -9.85 -6.92
O1 SO4 Y . -16.86 -8.56 -7.46
O2 SO4 Y . -17.89 -10.39 -6.44
O3 SO4 Y . -15.70 -9.79 -5.82
O4 SO4 Y . -16.11 -10.70 -7.96
C2 I7B Z . 0.52 -3.08 -15.05
C1 I7B Z . 0.30 -3.85 -13.92
C6 I7B Z . -1.02 -4.09 -13.49
C5 I7B Z . -2.09 -3.55 -14.20
C4 I7B Z . -1.84 -2.79 -15.31
C3 I7B Z . -0.54 -2.54 -15.76
S1 I7B Z . 1.68 -4.53 -13.05
N1 I7B Z . 1.58 -4.10 -11.51
O2 I7B Z . 1.53 -5.97 -13.08
O1 I7B Z . 2.88 -3.95 -13.58
S2 I7B Z . -0.20 -1.57 -17.20
N2 I7B Z . -1.55 -1.37 -18.04
O3 I7B Z . 0.20 -0.27 -16.75
O4 I7B Z . 0.69 -2.31 -18.05
N3 I7B Z . -1.28 -4.88 -12.39
CL1 I7B Z . -3.22 -2.14 -16.16
CL CL AA . -0.31 6.21 -13.53
#